data_3VMK
#
_entry.id   3VMK
#
_cell.length_a   51.972
_cell.length_b   59.208
_cell.length_c   119.779
_cell.angle_alpha   90.00
_cell.angle_beta   95.12
_cell.angle_gamma   90.00
#
_symmetry.space_group_name_H-M   'P 1 21 1'
#
loop_
_entity.id
_entity.type
_entity.pdbx_description
1 polymer '3-isopropylmalate dehydrogenase'
2 non-polymer '3-ISOPROPYLMALIC ACID'
3 non-polymer 'MAGNESIUM ION'
4 non-polymer 'CHLORIDE ION'
5 water water
#
_entity_poly.entity_id   1
_entity_poly.type   'polypeptide(L)'
_entity_poly.pdbx_seq_one_letter_code
;MRGSHHHHHHGSSYQIAVLAGDGIGPEVMAEARKVLAAVEKRFDLSIEYSEYDVGGAAIDNHGCPLPEATLKGCEAADAV
LFGSVGGPKWEHLPPNDQPERGALLPLRGHFELFCNMRPAKLHPGLEHMSPLRSDISEKGFDILCVRELTGGIYFGKPKG
RQGEGENEEAFDTMRYSRKEIRRIAKIAFESAQGRRKKVTSVDKANVLACSVLWREVVEEVAKDYPDVELEHIYIDNATM
QLLRRPNEFDVMLCSNLFGDIVSDEIAMLTGSMGLLASISMNSQGFGMYEPAGGSAPDIAGQGIANPVAQILSAALLLRH
SLKLEDAALAIEAAVSKALSDGYLTCELLPASERSQAKSTSQMGDYIAQAIAEGV
;
_entity_poly.pdbx_strand_id   A,B
#
# COMPACT_ATOMS: atom_id res chain seq x y z
N HIS A 6 -26.40 21.33 -14.53
CA HIS A 6 -27.40 22.31 -13.96
C HIS A 6 -26.54 23.59 -13.94
N HIS A 7 -26.91 24.69 -14.64
CA HIS A 7 -26.12 25.89 -14.35
C HIS A 7 -26.76 26.87 -13.36
N HIS A 8 -25.96 27.33 -12.43
CA HIS A 8 -26.47 28.22 -11.39
C HIS A 8 -26.65 29.63 -11.91
N HIS A 9 -27.79 30.23 -11.58
CA HIS A 9 -28.04 31.63 -11.90
C HIS A 9 -27.93 32.48 -10.65
N HIS A 10 -27.41 33.70 -10.80
CA HIS A 10 -27.21 34.58 -9.65
C HIS A 10 -28.51 34.91 -8.94
N GLY A 11 -28.47 34.60 -7.64
CA GLY A 11 -29.64 34.81 -6.78
C GLY A 11 -30.54 33.64 -6.71
N SER A 12 -30.44 32.66 -7.63
CA SER A 12 -31.23 31.38 -7.53
C SER A 12 -30.76 30.60 -6.36
N SER A 13 -31.60 29.66 -5.92
CA SER A 13 -31.09 28.77 -4.86
C SER A 13 -30.05 27.84 -5.47
N TYR A 14 -29.02 27.60 -4.69
CA TYR A 14 -28.14 26.43 -4.98
C TYR A 14 -28.88 25.13 -4.69
N GLN A 15 -28.58 24.10 -5.42
CA GLN A 15 -29.31 22.82 -5.32
C GLN A 15 -28.31 21.79 -4.86
N ILE A 16 -28.55 21.23 -3.68
CA ILE A 16 -27.75 20.06 -3.19
C ILE A 16 -28.55 18.77 -3.15
N ALA A 17 -28.12 17.75 -3.83
CA ALA A 17 -28.66 16.38 -3.77
C ALA A 17 -28.04 15.80 -2.50
N VAL A 18 -28.81 15.29 -1.55
CA VAL A 18 -28.35 14.69 -0.29
C VAL A 18 -28.53 13.20 -0.39
N LEU A 19 -27.48 12.38 -0.41
CA LEU A 19 -27.53 10.95 -0.51
C LEU A 19 -26.87 10.37 0.70
N ALA A 20 -27.63 10.18 1.76
CA ALA A 20 -27.04 9.85 3.05
C ALA A 20 -26.62 8.40 3.14
N GLY A 21 -27.25 7.45 2.45
CA GLY A 21 -26.84 6.07 2.42
C GLY A 21 -27.18 5.26 3.62
N ASP A 22 -26.19 4.52 4.10
CA ASP A 22 -26.39 3.38 5.03
C ASP A 22 -25.74 3.66 6.35
N GLY A 23 -26.05 2.88 7.38
CA GLY A 23 -25.27 2.85 8.61
C GLY A 23 -25.33 4.18 9.32
N ILE A 24 -24.17 4.73 9.63
CA ILE A 24 -24.12 6.02 10.36
C ILE A 24 -24.44 7.27 9.42
N GLY A 25 -24.58 6.98 8.11
CA GLY A 25 -24.81 8.10 7.13
C GLY A 25 -25.85 9.06 7.55
N PRO A 26 -27.09 8.47 7.81
CA PRO A 26 -28.10 9.42 8.16
C PRO A 26 -27.89 10.23 9.41
N GLU A 27 -27.36 9.65 10.50
CA GLU A 27 -27.18 10.39 11.68
C GLU A 27 -26.07 11.49 11.58
N VAL A 28 -25.01 11.19 10.80
CA VAL A 28 -24.03 12.28 10.64
C VAL A 28 -24.47 13.34 9.62
N MET A 29 -25.25 12.88 8.64
CA MET A 29 -25.88 13.85 7.69
C MET A 29 -26.77 14.81 8.46
N ALA A 30 -27.49 14.33 9.47
CA ALA A 30 -28.27 15.31 10.22
C ALA A 30 -27.50 16.40 10.87
N GLU A 31 -26.28 16.08 11.32
CA GLU A 31 -25.48 17.08 11.91
C GLU A 31 -24.86 18.01 10.86
N ALA A 32 -24.54 17.46 9.68
CA ALA A 32 -24.13 18.36 8.57
C ALA A 32 -25.25 19.33 8.14
N ARG A 33 -26.50 18.84 8.14
CA ARG A 33 -27.61 19.74 7.83
C ARG A 33 -27.83 20.75 8.90
N LYS A 34 -27.60 20.39 10.16
CA LYS A 34 -27.70 21.38 11.26
C LYS A 34 -26.66 22.46 11.14
N VAL A 35 -25.39 22.09 10.86
CA VAL A 35 -24.35 23.07 10.69
C VAL A 35 -24.60 23.91 9.38
N LEU A 36 -25.05 23.27 8.30
CA LEU A 36 -25.41 24.01 7.05
C LEU A 36 -26.55 25.03 7.36
N ALA A 37 -27.53 24.67 8.17
CA ALA A 37 -28.66 25.60 8.42
C ALA A 37 -28.02 26.82 9.08
N ALA A 38 -27.06 26.66 10.00
CA ALA A 38 -26.43 27.76 10.73
C ALA A 38 -25.65 28.64 9.76
N VAL A 39 -24.84 28.03 8.88
CA VAL A 39 -24.13 28.76 7.88
C VAL A 39 -25.03 29.60 6.90
N GLU A 40 -26.13 28.95 6.44
CA GLU A 40 -27.19 29.58 5.56
C GLU A 40 -27.77 30.84 6.15
N LYS A 41 -28.04 30.74 7.45
CA LYS A 41 -28.64 31.88 8.20
C LYS A 41 -27.56 32.95 8.34
N ARG A 42 -26.35 32.58 8.69
CA ARG A 42 -25.27 33.49 8.92
C ARG A 42 -24.79 34.28 7.69
N PHE A 43 -24.25 33.58 6.65
CA PHE A 43 -23.63 34.17 5.47
C PHE A 43 -24.63 34.60 4.40
N ASP A 44 -25.89 34.46 4.75
CA ASP A 44 -27.06 34.74 3.96
C ASP A 44 -27.42 33.95 2.65
N LEU A 45 -27.61 32.65 2.75
CA LEU A 45 -27.70 31.76 1.55
C LEU A 45 -29.02 31.20 1.24
N SER A 46 -29.26 30.91 -0.04
CA SER A 46 -30.43 30.24 -0.50
CA SER A 46 -30.46 30.24 -0.52
C SER A 46 -29.91 28.95 -1.07
N ILE A 47 -30.07 27.89 -0.26
CA ILE A 47 -29.77 26.52 -0.69
C ILE A 47 -31.02 25.65 -0.55
N GLU A 48 -31.36 24.83 -1.53
CA GLU A 48 -32.41 23.85 -1.45
C GLU A 48 -31.76 22.48 -1.44
N TYR A 49 -32.34 21.56 -0.69
CA TYR A 49 -31.88 20.16 -0.55
C TYR A 49 -32.87 19.19 -1.09
N SER A 50 -32.50 18.20 -1.81
CA SER A 50 -33.33 17.08 -2.30
C SER A 50 -32.70 15.77 -1.86
N GLU A 51 -33.40 15.02 -1.07
CA GLU A 51 -32.92 13.71 -0.58
C GLU A 51 -33.21 12.60 -1.51
N TYR A 52 -32.25 11.69 -1.71
CA TYR A 52 -32.39 10.52 -2.52
C TYR A 52 -31.74 9.29 -1.90
N ASP A 53 -32.36 8.14 -2.10
CA ASP A 53 -31.79 6.90 -1.66
C ASP A 53 -30.58 6.51 -2.52
N VAL A 54 -29.59 5.89 -1.89
CA VAL A 54 -28.44 5.29 -2.57
C VAL A 54 -27.94 4.06 -1.75
N GLY A 55 -27.21 3.19 -2.41
CA GLY A 55 -26.59 2.17 -1.54
C GLY A 55 -27.59 1.09 -1.10
N GLY A 56 -27.34 0.59 0.08
CA GLY A 56 -28.25 -0.49 0.67
C GLY A 56 -29.66 0.12 0.85
N ALA A 57 -29.79 1.39 1.27
CA ALA A 57 -31.08 1.96 1.39
C ALA A 57 -31.82 1.86 0.09
N ALA A 58 -31.15 2.17 -1.04
CA ALA A 58 -31.81 2.05 -2.35
C ALA A 58 -32.07 0.59 -2.73
N ILE A 59 -31.12 -0.32 -2.46
CA ILE A 59 -31.48 -1.76 -2.68
C ILE A 59 -32.82 -2.10 -1.91
N ASP A 60 -32.92 -1.64 -0.68
CA ASP A 60 -34.10 -1.98 0.15
C ASP A 60 -35.36 -1.33 -0.32
N ASN A 61 -35.33 -0.12 -0.82
CA ASN A 61 -36.50 0.58 -1.29
C ASN A 61 -36.83 0.44 -2.74
N HIS A 62 -35.80 0.22 -3.62
CA HIS A 62 -35.98 0.22 -5.10
C HIS A 62 -35.42 -0.91 -5.83
N GLY A 63 -34.67 -1.75 -5.15
CA GLY A 63 -34.09 -2.95 -5.72
C GLY A 63 -32.78 -2.80 -6.48
N CYS A 64 -32.15 -1.61 -6.35
CA CYS A 64 -30.81 -1.51 -6.95
C CYS A 64 -30.09 -0.40 -6.17
N PRO A 65 -28.71 -0.39 -6.24
CA PRO A 65 -27.98 0.59 -5.38
C PRO A 65 -27.92 2.06 -5.93
N LEU A 66 -28.24 2.20 -7.22
CA LEU A 66 -28.26 3.55 -7.87
C LEU A 66 -29.48 3.71 -8.76
N PRO A 67 -30.64 4.04 -8.15
CA PRO A 67 -31.85 4.12 -8.97
C PRO A 67 -31.77 5.25 -9.97
N GLU A 68 -32.43 5.07 -11.10
CA GLU A 68 -32.48 6.10 -12.09
C GLU A 68 -32.95 7.39 -11.47
N ALA A 69 -33.92 7.39 -10.55
CA ALA A 69 -34.40 8.63 -10.00
C ALA A 69 -33.30 9.43 -9.15
N THR A 70 -32.47 8.62 -8.50
CA THR A 70 -31.35 9.18 -7.77
C THR A 70 -30.32 9.76 -8.78
N LEU A 71 -30.01 9.02 -9.85
CA LEU A 71 -29.08 9.58 -10.90
C LEU A 71 -29.65 10.91 -11.41
N LYS A 72 -30.97 10.90 -11.74
CA LYS A 72 -31.53 12.11 -12.27
C LYS A 72 -31.51 13.24 -11.25
N GLY A 73 -31.71 12.94 -9.95
CA GLY A 73 -31.70 13.94 -8.94
C GLY A 73 -30.29 14.60 -8.75
N CYS A 74 -29.25 13.78 -8.90
CA CYS A 74 -27.84 14.30 -8.88
C CYS A 74 -27.58 15.18 -10.11
N GLU A 75 -28.17 14.77 -11.26
CA GLU A 75 -28.00 15.57 -12.49
C GLU A 75 -28.61 16.92 -12.35
N ALA A 76 -29.68 17.02 -11.58
CA ALA A 76 -30.27 18.35 -11.37
C ALA A 76 -29.66 19.27 -10.33
N ALA A 77 -28.64 18.80 -9.57
CA ALA A 77 -28.09 19.55 -8.55
C ALA A 77 -26.74 20.20 -8.89
N ASP A 78 -26.38 21.16 -8.10
CA ASP A 78 -25.02 21.81 -8.21
C ASP A 78 -23.93 20.95 -7.62
N ALA A 79 -24.30 20.04 -6.70
CA ALA A 79 -23.25 19.37 -5.91
C ALA A 79 -23.98 18.20 -5.18
N VAL A 80 -23.36 17.10 -4.83
CA VAL A 80 -23.94 16.01 -4.02
C VAL A 80 -23.27 15.92 -2.69
N LEU A 81 -24.05 15.99 -1.61
CA LEU A 81 -23.53 15.79 -0.25
C LEU A 81 -23.81 14.31 0.04
N PHE A 82 -22.80 13.41 0.08
CA PHE A 82 -22.98 12.00 0.14
C PHE A 82 -22.47 11.52 1.47
N GLY A 83 -23.24 10.51 2.03
CA GLY A 83 -22.81 9.92 3.30
C GLY A 83 -21.89 8.73 3.12
N SER A 84 -22.43 7.53 3.37
CA SER A 84 -21.63 6.34 3.12
C SER A 84 -22.53 5.19 2.79
N VAL A 85 -22.01 4.23 2.02
CA VAL A 85 -22.84 3.07 1.61
C VAL A 85 -22.13 1.77 1.94
N GLY A 86 -22.94 0.73 2.18
CA GLY A 86 -22.44 -0.64 2.30
C GLY A 86 -22.80 -1.20 3.64
N GLY A 87 -22.66 -2.51 3.76
CA GLY A 87 -22.96 -3.13 5.03
C GLY A 87 -23.18 -4.61 4.84
N PRO A 88 -23.08 -5.37 5.95
CA PRO A 88 -23.18 -6.84 5.84
C PRO A 88 -24.51 -7.30 5.26
N LYS A 89 -25.59 -6.53 5.47
CA LYS A 89 -26.90 -6.88 4.93
C LYS A 89 -26.86 -7.25 3.45
N TRP A 90 -25.95 -6.64 2.69
CA TRP A 90 -25.94 -6.70 1.24
C TRP A 90 -24.61 -7.26 0.70
N GLU A 91 -23.71 -7.71 1.57
CA GLU A 91 -22.46 -8.25 1.03
C GLU A 91 -22.53 -9.69 0.46
N HIS A 92 -23.65 -10.36 0.69
CA HIS A 92 -23.87 -11.67 0.08
C HIS A 92 -24.22 -11.50 -1.38
N LEU A 93 -24.73 -10.31 -1.72
CA LEU A 93 -25.24 -9.98 -3.04
C LEU A 93 -24.16 -10.12 -4.15
N PRO A 94 -24.60 -10.32 -5.41
CA PRO A 94 -23.64 -10.43 -6.51
C PRO A 94 -22.73 -9.18 -6.53
N PRO A 95 -21.77 -9.12 -7.47
CA PRO A 95 -20.82 -7.99 -7.29
C PRO A 95 -21.33 -6.61 -7.78
N ASN A 96 -21.94 -6.62 -8.98
CA ASN A 96 -22.41 -5.42 -9.61
C ASN A 96 -23.56 -4.85 -8.86
N ASP A 97 -24.02 -5.63 -7.90
CA ASP A 97 -25.28 -5.44 -7.21
C ASP A 97 -25.11 -4.87 -5.82
N GLN A 98 -23.88 -4.90 -5.28
CA GLN A 98 -23.53 -4.41 -3.92
C GLN A 98 -23.58 -2.85 -3.86
N PRO A 99 -23.85 -2.30 -2.67
CA PRO A 99 -24.02 -0.83 -2.55
C PRO A 99 -22.81 -0.04 -3.04
N GLU A 100 -21.59 -0.46 -2.69
CA GLU A 100 -20.45 0.44 -2.99
C GLU A 100 -20.01 0.34 -4.43
N ARG A 101 -19.63 -0.86 -4.88
CA ARG A 101 -19.30 -1.07 -6.25
C ARG A 101 -20.43 -0.54 -7.14
N GLY A 102 -21.65 -0.80 -6.66
CA GLY A 102 -22.88 -0.57 -7.45
C GLY A 102 -23.29 0.91 -7.60
N ALA A 103 -23.00 1.70 -6.56
CA ALA A 103 -23.35 3.15 -6.58
C ALA A 103 -22.09 4.01 -6.96
N LEU A 104 -20.97 3.72 -6.27
CA LEU A 104 -19.79 4.64 -6.47
C LEU A 104 -19.11 4.56 -7.86
N LEU A 105 -18.88 3.38 -8.43
CA LEU A 105 -18.24 3.34 -9.72
C LEU A 105 -19.13 4.00 -10.81
N PRO A 106 -20.46 3.67 -10.85
CA PRO A 106 -21.29 4.31 -11.87
C PRO A 106 -21.47 5.81 -11.64
N LEU A 107 -21.55 6.29 -10.39
CA LEU A 107 -21.57 7.74 -10.14
C LEU A 107 -20.30 8.43 -10.76
N ARG A 108 -19.14 7.87 -10.44
CA ARG A 108 -17.90 8.45 -10.91
C ARG A 108 -17.86 8.50 -12.44
N GLY A 109 -18.18 7.34 -13.07
CA GLY A 109 -18.20 7.25 -14.56
C GLY A 109 -19.22 8.22 -15.20
N HIS A 110 -20.48 8.14 -14.74
CA HIS A 110 -21.59 8.97 -15.28
C HIS A 110 -21.27 10.46 -15.22
N PHE A 111 -20.71 10.96 -14.09
CA PHE A 111 -20.50 12.40 -13.97
C PHE A 111 -19.03 12.82 -14.33
N GLU A 112 -18.29 11.82 -14.81
CA GLU A 112 -16.90 12.06 -15.23
C GLU A 112 -16.09 12.68 -14.10
N LEU A 113 -16.24 12.08 -12.89
CA LEU A 113 -15.57 12.63 -11.70
C LEU A 113 -14.14 12.16 -11.65
N PHE A 114 -13.30 12.69 -12.53
CA PHE A 114 -11.95 12.11 -12.71
C PHE A 114 -11.10 12.54 -11.54
N CYS A 115 -11.47 13.49 -10.73
CA CYS A 115 -10.55 14.12 -9.75
C CYS A 115 -10.98 13.72 -8.34
N ASN A 116 -10.25 12.91 -7.60
CA ASN A 116 -10.49 12.70 -6.14
C ASN A 116 -9.45 13.40 -5.31
N MET A 117 -9.88 14.10 -4.28
CA MET A 117 -8.92 14.76 -3.40
C MET A 117 -9.24 14.43 -2.00
N ARG A 118 -8.29 13.90 -1.24
CA ARG A 118 -8.48 13.47 0.18
C ARG A 118 -7.49 14.17 1.03
N PRO A 119 -7.86 15.28 1.65
CA PRO A 119 -6.96 16.02 2.56
C PRO A 119 -6.82 15.31 3.91
N ALA A 120 -5.61 15.17 4.43
CA ALA A 120 -5.46 14.55 5.77
C ALA A 120 -4.39 15.26 6.50
N LYS A 121 -4.60 15.53 7.76
CA LYS A 121 -3.53 16.06 8.59
C LYS A 121 -3.64 15.61 10.03
N LEU A 122 -2.52 15.72 10.75
CA LEU A 122 -2.62 15.56 12.20
C LEU A 122 -3.08 16.85 12.86
N HIS A 123 -4.19 16.86 13.57
CA HIS A 123 -4.74 18.07 14.18
C HIS A 123 -4.01 18.40 15.50
N PRO A 124 -3.90 19.70 15.85
CA PRO A 124 -3.10 20.07 17.06
C PRO A 124 -3.70 19.42 18.27
N GLY A 125 -2.86 18.73 19.06
CA GLY A 125 -3.33 18.06 20.23
C GLY A 125 -3.89 16.67 20.05
N LEU A 126 -3.95 16.16 18.81
CA LEU A 126 -4.42 14.79 18.61
C LEU A 126 -3.30 13.99 17.93
N GLU A 127 -2.11 14.58 17.85
CA GLU A 127 -1.00 13.82 17.26
C GLU A 127 -0.88 12.45 17.92
N HIS A 128 -1.17 12.31 19.21
CA HIS A 128 -1.04 11.07 19.96
C HIS A 128 -1.93 9.90 19.51
N MET A 129 -3.07 10.20 18.86
CA MET A 129 -3.94 9.12 18.42
C MET A 129 -3.39 8.42 17.12
N SER A 130 -2.43 9.10 16.48
CA SER A 130 -1.76 8.48 15.30
C SER A 130 -1.18 7.15 15.78
N PRO A 131 -1.10 6.13 14.94
CA PRO A 131 -0.41 4.84 15.24
C PRO A 131 1.08 4.96 14.99
N LEU A 132 1.59 6.13 14.60
CA LEU A 132 3.06 6.30 14.47
C LEU A 132 3.74 6.42 15.82
N ARG A 133 4.99 6.04 15.79
CA ARG A 133 5.83 6.23 16.97
C ARG A 133 5.76 7.71 17.33
N SER A 134 5.87 8.01 18.64
CA SER A 134 5.60 9.40 19.09
CA SER A 134 5.63 9.42 19.10
C SER A 134 6.58 10.47 18.52
N ASP A 135 7.86 10.13 18.33
CA ASP A 135 8.77 11.11 17.77
C ASP A 135 8.47 11.44 16.32
N ILE A 136 7.76 10.47 15.66
CA ILE A 136 7.33 10.81 14.24
C ILE A 136 6.02 11.59 14.28
N SER A 137 5.04 11.09 15.02
CA SER A 137 3.78 11.87 15.05
C SER A 137 3.91 13.25 15.62
N GLU A 138 4.86 13.50 16.52
CA GLU A 138 5.03 14.87 17.10
C GLU A 138 5.44 15.84 15.99
N LYS A 139 6.07 15.34 14.89
CA LYS A 139 6.52 16.22 13.83
C LYS A 139 5.35 16.75 12.99
N GLY A 140 4.17 16.11 13.15
CA GLY A 140 3.01 16.51 12.35
C GLY A 140 3.10 16.01 10.88
N PHE A 141 1.95 16.08 10.22
CA PHE A 141 1.94 15.99 8.74
C PHE A 141 0.61 16.56 8.22
N ASP A 142 0.66 16.97 6.95
CA ASP A 142 -0.51 17.46 6.24
C ASP A 142 -0.29 17.09 4.78
N ILE A 143 -1.06 16.08 4.34
CA ILE A 143 -0.84 15.50 3.03
C ILE A 143 -2.14 15.49 2.30
N LEU A 144 -2.14 16.10 1.10
CA LEU A 144 -3.32 16.05 0.24
C LEU A 144 -3.09 14.99 -0.81
N CYS A 145 -3.96 13.98 -0.90
CA CYS A 145 -3.82 12.95 -1.90
CA CYS A 145 -3.84 12.95 -1.93
C CYS A 145 -4.70 13.26 -3.08
N VAL A 146 -4.16 13.39 -4.25
CA VAL A 146 -4.90 13.59 -5.50
C VAL A 146 -4.88 12.31 -6.27
N ARG A 147 -6.01 11.67 -6.51
CA ARG A 147 -6.17 10.38 -7.14
C ARG A 147 -7.01 10.45 -8.37
N GLU A 148 -6.53 9.90 -9.46
CA GLU A 148 -7.28 9.86 -10.72
C GLU A 148 -8.36 8.77 -10.54
N LEU A 149 -9.62 9.14 -10.86
CA LEU A 149 -10.72 8.34 -10.37
C LEU A 149 -11.49 7.67 -11.48
N THR A 150 -11.34 8.04 -12.74
CA THR A 150 -12.19 7.44 -13.80
C THR A 150 -11.48 6.56 -14.83
N GLY A 151 -10.19 6.37 -14.65
CA GLY A 151 -9.35 5.61 -15.59
C GLY A 151 -8.60 4.50 -14.95
N GLY A 152 -7.51 4.08 -15.60
CA GLY A 152 -6.64 2.99 -15.10
C GLY A 152 -7.33 1.66 -15.15
N ILE A 153 -7.08 0.88 -14.13
CA ILE A 153 -7.54 -0.52 -14.12
C ILE A 153 -8.96 -0.65 -13.70
N TYR A 154 -9.55 0.35 -13.13
CA TYR A 154 -10.92 0.27 -12.63
C TYR A 154 -11.90 0.15 -13.79
N PHE A 155 -11.67 0.86 -14.86
CA PHE A 155 -12.64 1.01 -16.00
C PHE A 155 -12.09 0.34 -17.26
N GLY A 156 -10.86 -0.11 -17.31
CA GLY A 156 -10.30 -0.62 -18.58
C GLY A 156 -10.91 -1.88 -19.07
N LYS A 157 -11.00 -2.07 -20.39
CA LYS A 157 -11.33 -3.35 -20.98
C LYS A 157 -10.24 -3.76 -21.97
N PRO A 158 -10.04 -5.06 -22.26
CA PRO A 158 -10.74 -6.23 -21.80
C PRO A 158 -10.74 -6.41 -20.28
N LYS A 159 -11.90 -6.86 -19.76
CA LYS A 159 -12.06 -7.18 -18.31
C LYS A 159 -13.07 -8.29 -18.28
N GLY A 160 -12.68 -9.44 -17.73
CA GLY A 160 -13.64 -10.58 -17.67
C GLY A 160 -12.96 -11.88 -17.36
N ARG A 161 -13.53 -13.02 -17.76
CA ARG A 161 -13.03 -14.35 -17.39
C ARG A 161 -13.44 -15.32 -18.54
N GLN A 162 -12.44 -16.06 -19.03
CA GLN A 162 -12.68 -17.04 -20.14
C GLN A 162 -11.88 -18.24 -19.94
N GLY A 163 -12.24 -19.32 -20.68
CA GLY A 163 -11.32 -20.46 -20.78
C GLY A 163 -11.88 -21.65 -20.01
N GLU A 164 -11.19 -22.79 -20.07
CA GLU A 164 -11.67 -23.81 -19.14
C GLU A 164 -10.67 -24.72 -18.58
N GLY A 165 -11.22 -25.57 -17.69
CA GLY A 165 -10.37 -26.36 -16.81
C GLY A 165 -9.45 -25.48 -15.98
N GLU A 166 -8.28 -26.00 -15.67
CA GLU A 166 -7.26 -25.29 -14.83
CA GLU A 166 -7.31 -25.31 -14.84
C GLU A 166 -6.77 -24.03 -15.51
N ASN A 167 -7.02 -23.91 -16.84
CA ASN A 167 -6.53 -22.76 -17.58
C ASN A 167 -7.55 -21.63 -17.71
N GLU A 168 -8.75 -21.77 -17.17
CA GLU A 168 -9.72 -20.67 -17.11
C GLU A 168 -9.00 -19.51 -16.41
N GLU A 169 -9.16 -18.31 -16.98
CA GLU A 169 -8.35 -17.16 -16.53
C GLU A 169 -9.22 -15.92 -16.50
N ALA A 170 -8.88 -15.08 -15.56
CA ALA A 170 -9.50 -13.75 -15.55
C ALA A 170 -8.50 -12.71 -15.96
N PHE A 171 -9.01 -11.54 -16.29
CA PHE A 171 -8.12 -10.50 -16.80
C PHE A 171 -8.73 -9.12 -16.52
N ASP A 172 -7.84 -8.12 -16.33
CA ASP A 172 -8.22 -6.72 -16.19
C ASP A 172 -7.16 -5.97 -16.95
N THR A 173 -7.59 -4.85 -17.50
CA THR A 173 -6.68 -3.97 -18.31
C THR A 173 -6.57 -2.58 -17.70
N MET A 174 -5.33 -2.21 -17.36
CA MET A 174 -5.06 -0.85 -16.97
C MET A 174 -4.77 0.03 -18.16
N ARG A 175 -5.45 1.15 -18.25
CA ARG A 175 -5.29 2.06 -19.40
C ARG A 175 -5.20 3.47 -18.97
N TYR A 176 -4.28 4.27 -19.54
CA TYR A 176 -4.18 5.71 -19.32
C TYR A 176 -3.78 6.42 -20.60
N SER A 177 -4.44 7.45 -20.93
CA SER A 177 -4.03 8.34 -22.04
C SER A 177 -3.33 9.56 -21.53
N ARG A 178 -2.59 10.25 -22.42
CA ARG A 178 -2.02 11.53 -22.05
C ARG A 178 -3.10 12.52 -21.58
N LYS A 179 -4.27 12.62 -22.23
CA LYS A 179 -5.28 13.54 -21.72
C LYS A 179 -5.70 13.28 -20.25
N GLU A 180 -5.86 11.96 -20.00
CA GLU A 180 -6.27 11.62 -18.59
C GLU A 180 -5.21 11.91 -17.53
N ILE A 181 -3.92 11.67 -17.91
CA ILE A 181 -2.86 11.94 -16.95
C ILE A 181 -2.71 13.48 -16.80
N ARG A 182 -2.78 14.21 -17.95
CA ARG A 182 -2.59 15.66 -17.87
C ARG A 182 -3.63 16.36 -16.98
N ARG A 183 -4.92 15.96 -17.11
CA ARG A 183 -5.90 16.70 -16.32
C ARG A 183 -5.68 16.48 -14.81
N ILE A 184 -5.44 15.23 -14.41
CA ILE A 184 -5.24 14.99 -12.97
C ILE A 184 -3.93 15.60 -12.48
N ALA A 185 -2.87 15.58 -13.31
CA ALA A 185 -1.63 16.19 -12.86
C ALA A 185 -1.81 17.70 -12.64
N LYS A 186 -2.58 18.31 -13.51
CA LYS A 186 -2.75 19.81 -13.34
C LYS A 186 -3.41 20.08 -11.99
N ILE A 187 -4.38 19.23 -11.54
CA ILE A 187 -4.98 19.55 -10.26
CA ILE A 187 -5.03 19.44 -10.24
C ILE A 187 -3.96 19.38 -9.15
N ALA A 188 -3.06 18.38 -9.24
CA ALA A 188 -2.08 18.14 -8.18
C ALA A 188 -1.11 19.35 -8.14
N PHE A 189 -0.64 19.80 -9.33
CA PHE A 189 0.26 20.95 -9.32
C PHE A 189 -0.40 22.25 -8.87
N GLU A 190 -1.65 22.53 -9.28
CA GLU A 190 -2.31 23.70 -8.78
C GLU A 190 -2.49 23.62 -7.26
N SER A 191 -2.87 22.46 -6.75
CA SER A 191 -2.94 22.32 -5.32
C SER A 191 -1.69 22.58 -4.58
N ALA A 192 -0.59 22.01 -5.10
CA ALA A 192 0.74 22.14 -4.51
C ALA A 192 1.14 23.65 -4.52
N GLN A 193 0.79 24.33 -5.61
CA GLN A 193 1.19 25.77 -5.77
C GLN A 193 0.64 26.56 -4.59
N GLY A 194 -0.55 26.20 -4.08
CA GLY A 194 -1.26 26.86 -2.98
C GLY A 194 -1.01 26.30 -1.58
N ARG A 195 -0.16 25.26 -1.51
CA ARG A 195 0.18 24.59 -0.28
C ARG A 195 1.66 24.73 -0.03
N ARG A 196 2.50 23.67 -0.06
CA ARG A 196 3.88 23.77 0.26
C ARG A 196 4.78 23.48 -0.97
N LYS A 197 4.16 23.57 -2.15
CA LYS A 197 4.89 23.51 -3.40
C LYS A 197 5.70 22.24 -3.62
N LYS A 198 5.08 21.10 -3.36
CA LYS A 198 5.77 19.83 -3.66
C LYS A 198 4.70 18.85 -4.12
N VAL A 199 4.99 18.16 -5.23
CA VAL A 199 4.13 17.02 -5.74
C VAL A 199 5.02 15.75 -5.72
N THR A 200 4.52 14.68 -5.07
CA THR A 200 5.13 13.36 -5.11
C THR A 200 4.21 12.52 -5.96
N SER A 201 4.70 12.17 -7.14
CA SER A 201 3.91 11.35 -8.08
C SER A 201 4.28 9.90 -7.86
N VAL A 202 3.29 8.99 -7.61
CA VAL A 202 3.45 7.59 -7.14
C VAL A 202 3.09 6.72 -8.31
N ASP A 203 4.02 5.86 -8.70
CA ASP A 203 3.77 4.98 -9.89
C ASP A 203 4.51 3.67 -9.75
N LYS A 204 4.50 2.81 -10.75
CA LYS A 204 5.38 1.62 -10.77
C LYS A 204 6.05 1.58 -12.12
N ALA A 205 6.84 2.61 -12.42
CA ALA A 205 7.38 2.83 -13.82
C ALA A 205 8.50 1.86 -14.18
N ASN A 206 9.02 1.11 -13.22
CA ASN A 206 9.98 -0.01 -13.52
C ASN A 206 9.28 -1.27 -13.98
N VAL A 207 7.93 -1.36 -13.97
CA VAL A 207 7.18 -2.56 -14.33
C VAL A 207 6.10 -2.18 -15.37
N LEU A 208 5.30 -1.12 -15.18
CA LEU A 208 4.10 -0.91 -15.95
C LEU A 208 4.26 0.09 -17.07
N ALA A 209 3.77 -0.23 -18.29
CA ALA A 209 3.77 0.76 -19.34
C ALA A 209 2.96 1.96 -19.00
N CYS A 210 1.83 1.74 -18.31
CA CYS A 210 1.07 2.88 -17.89
C CYS A 210 1.80 3.83 -17.00
N SER A 211 2.66 3.27 -16.12
CA SER A 211 3.41 4.17 -15.21
C SER A 211 4.58 4.87 -15.98
N VAL A 212 5.14 4.22 -16.99
CA VAL A 212 6.19 4.97 -17.80
C VAL A 212 5.51 6.16 -18.43
N LEU A 213 4.27 6.00 -19.01
CA LEU A 213 3.63 7.10 -19.62
C LEU A 213 3.17 8.15 -18.59
N TRP A 214 2.65 7.65 -17.47
CA TRP A 214 2.26 8.54 -16.38
C TRP A 214 3.45 9.54 -16.04
N ARG A 215 4.60 8.91 -15.76
CA ARG A 215 5.77 9.69 -15.33
C ARG A 215 6.19 10.71 -16.44
N GLU A 216 6.10 10.29 -17.74
CA GLU A 216 6.38 11.21 -18.83
C GLU A 216 5.44 12.37 -18.85
N VAL A 217 4.12 12.15 -18.71
CA VAL A 217 3.19 13.20 -18.88
C VAL A 217 3.19 14.14 -17.63
N VAL A 218 3.45 13.53 -16.44
CA VAL A 218 3.64 14.30 -15.27
C VAL A 218 4.82 15.30 -15.43
N GLU A 219 5.89 14.76 -16.01
CA GLU A 219 7.07 15.67 -16.30
C GLU A 219 6.70 16.75 -17.27
N GLU A 220 5.87 16.44 -18.26
CA GLU A 220 5.38 17.51 -19.16
C GLU A 220 4.62 18.61 -18.44
N VAL A 221 3.61 18.23 -17.64
CA VAL A 221 2.83 19.22 -16.98
C VAL A 221 3.66 20.02 -15.93
N ALA A 222 4.63 19.35 -15.32
CA ALA A 222 5.52 19.92 -14.25
C ALA A 222 6.26 21.21 -14.82
N LYS A 223 6.52 21.21 -16.10
CA LYS A 223 7.15 22.42 -16.76
C LYS A 223 6.32 23.69 -16.54
N ASP A 224 5.00 23.61 -16.44
CA ASP A 224 4.15 24.78 -16.33
C ASP A 224 4.06 25.29 -14.89
N TYR A 225 4.74 24.61 -13.97
CA TYR A 225 4.66 24.92 -12.51
C TYR A 225 6.11 24.94 -11.92
N PRO A 226 6.99 25.88 -12.42
CA PRO A 226 8.41 25.95 -12.05
C PRO A 226 8.72 26.16 -10.54
N ASP A 227 7.73 26.69 -9.81
CA ASP A 227 7.79 26.95 -8.31
C ASP A 227 7.63 25.62 -7.50
N VAL A 228 7.16 24.57 -8.19
CA VAL A 228 6.79 23.34 -7.49
C VAL A 228 7.80 22.27 -7.72
N GLU A 229 8.27 21.64 -6.65
CA GLU A 229 9.19 20.50 -6.71
C GLU A 229 8.44 19.20 -7.08
N LEU A 230 8.95 18.43 -8.02
CA LEU A 230 8.38 17.10 -8.40
C LEU A 230 9.33 16.08 -8.02
N GLU A 231 8.79 15.11 -7.35
CA GLU A 231 9.52 13.88 -7.22
C GLU A 231 8.68 12.68 -7.55
N HIS A 232 9.30 11.58 -7.90
CA HIS A 232 8.61 10.35 -8.28
C HIS A 232 8.98 9.37 -7.24
N ILE A 233 8.03 8.47 -6.90
CA ILE A 233 8.31 7.36 -5.99
C ILE A 233 7.54 6.09 -6.38
N TYR A 234 8.10 4.91 -6.29
CA TYR A 234 7.40 3.69 -6.62
C TYR A 234 6.36 3.43 -5.53
N ILE A 235 5.25 2.80 -5.88
CA ILE A 235 4.19 2.56 -4.91
C ILE A 235 4.62 1.72 -3.67
N ASP A 236 5.38 0.68 -3.90
CA ASP A 236 5.81 -0.13 -2.79
C ASP A 236 6.65 0.79 -1.82
N ASN A 237 7.66 1.47 -2.36
CA ASN A 237 8.50 2.40 -1.54
C ASN A 237 7.66 3.50 -0.91
N ALA A 238 6.59 3.94 -1.58
CA ALA A 238 5.81 5.04 -1.01
C ALA A 238 5.15 4.50 0.30
N THR A 239 4.65 3.24 0.33
CA THR A 239 4.06 2.78 1.60
C THR A 239 5.04 2.81 2.75
N MET A 240 6.33 2.58 2.39
CA MET A 240 7.39 2.65 3.45
C MET A 240 7.71 4.06 3.81
N GLN A 241 7.85 4.97 2.87
CA GLN A 241 8.26 6.32 3.17
C GLN A 241 7.18 7.11 3.89
N LEU A 242 5.91 6.77 3.64
CA LEU A 242 4.83 7.45 4.43
C LEU A 242 4.88 7.12 5.91
N LEU A 243 5.44 5.96 6.27
CA LEU A 243 5.63 5.53 7.69
C LEU A 243 6.81 6.28 8.28
N ARG A 244 7.85 6.46 7.48
CA ARG A 244 9.11 6.89 8.07
C ARG A 244 9.21 8.38 8.09
N ARG A 245 8.65 9.08 7.11
CA ARG A 245 8.87 10.55 7.00
C ARG A 245 7.59 11.29 6.41
N PRO A 246 6.39 11.05 7.00
CA PRO A 246 5.17 11.70 6.50
C PRO A 246 5.24 13.21 6.54
N ASN A 247 6.07 13.81 7.38
CA ASN A 247 6.16 15.24 7.35
C ASN A 247 6.81 15.82 6.10
N GLU A 248 7.46 14.96 5.31
CA GLU A 248 8.15 15.47 4.12
C GLU A 248 7.26 15.50 2.89
N PHE A 249 5.98 15.09 2.93
CA PHE A 249 5.16 15.11 1.72
C PHE A 249 4.13 16.21 1.80
N ASP A 250 3.71 16.70 0.67
CA ASP A 250 2.80 17.82 0.56
C ASP A 250 1.58 17.31 -0.26
N VAL A 251 1.69 17.21 -1.58
CA VAL A 251 0.59 16.67 -2.42
C VAL A 251 1.09 15.39 -3.03
N MET A 252 0.29 14.31 -2.93
CA MET A 252 0.58 13.02 -3.60
C MET A 252 -0.21 13.00 -4.87
N LEU A 253 0.30 12.48 -6.01
CA LEU A 253 -0.42 12.44 -7.27
C LEU A 253 -0.34 10.99 -7.66
N CYS A 254 -1.53 10.37 -7.78
CA CYS A 254 -1.59 8.94 -7.99
C CYS A 254 -2.64 8.49 -9.02
N SER A 255 -2.39 7.32 -9.65
CA SER A 255 -3.40 6.68 -10.47
C SER A 255 -4.50 6.15 -9.58
N ASN A 256 -5.49 5.57 -10.25
CA ASN A 256 -6.70 5.12 -9.57
C ASN A 256 -6.45 4.03 -8.46
N LEU A 257 -5.76 2.95 -8.84
CA LEU A 257 -5.46 1.91 -7.86
C LEU A 257 -4.42 2.42 -6.86
N PHE A 258 -3.37 3.09 -7.35
CA PHE A 258 -2.35 3.53 -6.35
C PHE A 258 -2.90 4.58 -5.40
N GLY A 259 -3.80 5.47 -5.86
CA GLY A 259 -4.39 6.45 -4.95
C GLY A 259 -5.38 5.85 -3.94
N ASP A 260 -6.06 4.78 -4.37
CA ASP A 260 -6.94 4.01 -3.46
C ASP A 260 -6.11 3.58 -2.21
N ILE A 261 -4.89 3.11 -2.52
CA ILE A 261 -4.02 2.53 -1.49
C ILE A 261 -3.37 3.61 -0.65
N VAL A 262 -2.68 4.59 -1.30
CA VAL A 262 -1.97 5.61 -0.58
C VAL A 262 -2.88 6.48 0.30
N SER A 263 -4.09 6.78 -0.21
CA SER A 263 -5.02 7.60 0.62
C SER A 263 -5.46 6.88 1.88
N ASP A 264 -5.75 5.59 1.73
CA ASP A 264 -6.07 4.80 2.95
C ASP A 264 -4.91 4.72 3.96
N GLU A 265 -3.67 4.47 3.46
CA GLU A 265 -2.55 4.36 4.41
C GLU A 265 -2.47 5.70 5.17
N ILE A 266 -2.46 6.86 4.48
CA ILE A 266 -2.37 8.17 5.13
C ILE A 266 -3.54 8.44 6.12
N ALA A 267 -4.73 8.01 5.71
CA ALA A 267 -5.89 8.17 6.59
C ALA A 267 -5.66 7.45 7.93
N MET A 268 -5.21 6.24 7.83
CA MET A 268 -4.99 5.46 9.11
C MET A 268 -3.82 6.07 9.88
N LEU A 269 -2.82 6.64 9.19
CA LEU A 269 -1.71 7.29 9.92
C LEU A 269 -2.18 8.53 10.73
N THR A 270 -3.33 9.16 10.40
CA THR A 270 -3.76 10.22 11.27
C THR A 270 -4.28 9.69 12.61
N GLY A 271 -4.71 8.41 12.70
CA GLY A 271 -5.44 7.90 13.89
C GLY A 271 -6.76 8.61 14.17
N SER A 272 -7.23 9.43 13.24
CA SER A 272 -8.52 10.18 13.44
C SER A 272 -9.38 10.24 12.18
N MET A 273 -9.71 9.06 11.69
CA MET A 273 -10.37 8.97 10.41
CA MET A 273 -10.44 8.87 10.41
C MET A 273 -11.77 9.60 10.41
N GLY A 274 -12.41 9.69 11.58
CA GLY A 274 -13.71 10.36 11.70
C GLY A 274 -13.66 11.83 11.41
N LEU A 275 -12.49 12.45 11.20
CA LEU A 275 -12.30 13.81 10.80
C LEU A 275 -12.15 13.97 9.28
N LEU A 276 -12.03 12.87 8.50
CA LEU A 276 -11.53 12.96 7.13
C LEU A 276 -12.63 12.98 6.10
N ALA A 277 -12.49 13.94 5.15
CA ALA A 277 -13.45 14.08 4.05
C ALA A 277 -12.80 13.81 2.67
N SER A 278 -13.67 13.59 1.69
CA SER A 278 -13.27 13.21 0.28
C SER A 278 -14.04 14.06 -0.71
N ILE A 279 -13.38 14.59 -1.72
CA ILE A 279 -13.93 15.41 -2.80
C ILE A 279 -13.81 14.56 -4.05
N SER A 280 -14.83 14.43 -4.88
CA SER A 280 -14.79 13.71 -6.19
C SER A 280 -15.40 14.70 -7.20
N MET A 281 -14.66 15.33 -8.10
CA MET A 281 -15.17 16.44 -8.95
C MET A 281 -14.89 16.14 -10.39
N ASN A 282 -15.70 16.77 -11.25
CA ASN A 282 -15.48 16.82 -12.72
C ASN A 282 -14.90 18.22 -13.13
N SER A 283 -14.60 18.27 -14.44
CA SER A 283 -13.99 19.56 -14.96
C SER A 283 -14.91 20.78 -15.01
N GLN A 284 -16.20 20.58 -14.77
CA GLN A 284 -17.15 21.69 -14.71
C GLN A 284 -17.41 22.16 -13.27
N GLY A 285 -16.80 21.51 -12.25
CA GLY A 285 -16.93 22.00 -10.89
C GLY A 285 -18.02 21.24 -10.10
N PHE A 286 -18.72 20.36 -10.76
CA PHE A 286 -19.76 19.53 -10.04
C PHE A 286 -18.99 18.43 -9.27
N GLY A 287 -19.39 18.11 -8.05
CA GLY A 287 -18.72 16.99 -7.38
C GLY A 287 -19.61 16.40 -6.31
N MET A 288 -19.19 15.28 -5.79
CA MET A 288 -19.72 14.65 -4.59
CA MET A 288 -19.74 14.67 -4.60
C MET A 288 -18.69 14.71 -3.45
N TYR A 289 -19.19 14.91 -2.25
CA TYR A 289 -18.41 15.24 -1.05
C TYR A 289 -18.84 14.34 0.04
N GLU A 290 -17.92 13.60 0.65
CA GLU A 290 -18.31 12.50 1.56
C GLU A 290 -17.26 12.23 2.53
N PRO A 291 -17.58 11.62 3.64
CA PRO A 291 -16.50 11.20 4.61
C PRO A 291 -15.62 10.14 3.92
N ALA A 292 -14.34 10.14 4.27
CA ALA A 292 -13.49 9.03 3.77
C ALA A 292 -13.92 7.69 4.47
N GLY A 293 -14.29 7.72 5.75
CA GLY A 293 -14.64 6.47 6.40
C GLY A 293 -15.98 5.90 5.95
N GLY A 294 -16.26 4.68 6.34
CA GLY A 294 -17.52 4.01 5.91
C GLY A 294 -18.72 4.12 6.80
N SER A 295 -19.69 3.26 6.48
CA SER A 295 -21.02 3.30 7.01
C SER A 295 -21.09 2.75 8.47
N ALA A 296 -20.00 2.16 8.95
CA ALA A 296 -19.88 1.74 10.38
C ALA A 296 -21.20 1.16 10.90
N PRO A 297 -21.73 0.09 10.26
CA PRO A 297 -23.07 -0.35 10.69
C PRO A 297 -23.14 -0.86 12.13
N ASP A 298 -22.00 -1.21 12.73
CA ASP A 298 -21.96 -1.74 14.15
C ASP A 298 -22.36 -0.71 15.19
N ILE A 299 -22.24 0.58 14.84
CA ILE A 299 -22.67 1.66 15.72
C ILE A 299 -23.85 2.52 15.16
N ALA A 300 -24.36 2.18 13.98
CA ALA A 300 -25.46 2.91 13.41
C ALA A 300 -26.57 3.05 14.43
N GLY A 301 -27.01 4.28 14.64
CA GLY A 301 -28.22 4.56 15.43
C GLY A 301 -27.98 4.87 16.88
N GLN A 302 -26.72 4.76 17.30
CA GLN A 302 -26.37 4.92 18.71
C GLN A 302 -25.99 6.32 19.10
N GLY A 303 -25.78 7.25 18.12
CA GLY A 303 -25.52 8.63 18.44
C GLY A 303 -24.08 8.71 18.93
N ILE A 304 -23.22 7.79 18.49
CA ILE A 304 -21.82 7.91 18.94
C ILE A 304 -20.85 8.23 17.78
N ALA A 305 -21.30 8.00 16.55
CA ALA A 305 -20.46 8.34 15.33
C ALA A 305 -19.93 9.77 15.34
N ASN A 306 -18.73 9.91 14.81
CA ASN A 306 -18.14 11.24 14.77
C ASN A 306 -18.61 12.00 13.49
N PRO A 307 -19.38 13.11 13.67
CA PRO A 307 -19.96 13.71 12.47
C PRO A 307 -18.99 14.73 11.82
N VAL A 308 -17.78 14.90 12.37
CA VAL A 308 -16.90 15.93 11.76
C VAL A 308 -16.60 15.65 10.23
N ALA A 309 -16.37 14.39 9.84
CA ALA A 309 -16.08 14.11 8.46
C ALA A 309 -17.22 14.54 7.57
N GLN A 310 -18.50 14.29 7.94
CA GLN A 310 -19.61 14.70 7.13
C GLN A 310 -19.74 16.23 7.14
N ILE A 311 -19.49 16.89 8.29
CA ILE A 311 -19.56 18.36 8.37
C ILE A 311 -18.50 19.02 7.45
N LEU A 312 -17.28 18.48 7.56
CA LEU A 312 -16.19 18.91 6.64
C LEU A 312 -16.49 18.66 5.15
N SER A 313 -17.19 17.55 4.87
CA SER A 313 -17.64 17.28 3.54
C SER A 313 -18.49 18.43 3.08
N ALA A 314 -19.42 18.94 3.90
CA ALA A 314 -20.25 20.06 3.46
C ALA A 314 -19.38 21.30 3.24
N ALA A 315 -18.33 21.49 4.06
CA ALA A 315 -17.48 22.73 3.93
C ALA A 315 -16.76 22.61 2.58
N LEU A 316 -16.30 21.41 2.27
CA LEU A 316 -15.60 21.27 0.97
C LEU A 316 -16.49 21.40 -0.20
N LEU A 317 -17.77 20.98 -0.08
CA LEU A 317 -18.76 21.21 -1.12
C LEU A 317 -19.01 22.70 -1.33
N LEU A 318 -19.11 23.45 -0.25
CA LEU A 318 -19.32 24.92 -0.34
C LEU A 318 -18.13 25.50 -1.11
N ARG A 319 -16.90 25.14 -0.73
CA ARG A 319 -15.65 25.76 -1.32
C ARG A 319 -15.56 25.33 -2.81
N HIS A 320 -15.55 24.02 -3.06
CA HIS A 320 -15.21 23.48 -4.41
C HIS A 320 -16.25 23.56 -5.47
N SER A 321 -17.54 23.32 -5.14
CA SER A 321 -18.53 23.36 -6.12
C SER A 321 -19.28 24.67 -6.10
N LEU A 322 -19.66 25.14 -4.91
CA LEU A 322 -20.52 26.34 -4.88
C LEU A 322 -19.71 27.61 -4.87
N LYS A 323 -18.41 27.55 -4.63
CA LYS A 323 -17.47 28.72 -4.66
C LYS A 323 -17.86 29.70 -3.58
N LEU A 324 -18.43 29.15 -2.46
CA LEU A 324 -18.89 29.94 -1.27
C LEU A 324 -17.83 29.78 -0.28
N GLU A 325 -16.76 30.51 -0.54
CA GLU A 325 -15.53 30.42 0.18
C GLU A 325 -15.66 30.79 1.71
N ASP A 326 -16.31 31.92 2.02
CA ASP A 326 -16.32 32.29 3.43
C ASP A 326 -17.19 31.32 4.25
N ALA A 327 -18.28 30.84 3.65
CA ALA A 327 -19.07 29.79 4.24
C ALA A 327 -18.23 28.51 4.62
N ALA A 328 -17.38 28.03 3.69
CA ALA A 328 -16.52 26.91 3.96
C ALA A 328 -15.56 27.13 5.13
N LEU A 329 -14.86 28.27 5.14
CA LEU A 329 -13.83 28.51 6.13
C LEU A 329 -14.45 28.60 7.56
N ALA A 330 -15.63 29.17 7.59
CA ALA A 330 -16.49 29.26 8.82
C ALA A 330 -16.76 27.86 9.42
N ILE A 331 -17.20 26.91 8.57
CA ILE A 331 -17.32 25.55 9.06
C ILE A 331 -16.02 24.99 9.59
N GLU A 332 -14.93 25.14 8.77
CA GLU A 332 -13.64 24.59 9.18
C GLU A 332 -13.11 25.16 10.56
N ALA A 333 -13.31 26.47 10.69
CA ALA A 333 -12.96 27.17 11.97
C ALA A 333 -13.78 26.63 13.17
N ALA A 334 -15.07 26.44 12.96
CA ALA A 334 -15.98 25.91 14.00
C ALA A 334 -15.62 24.46 14.39
N VAL A 335 -15.22 23.62 13.40
CA VAL A 335 -14.78 22.30 13.68
C VAL A 335 -13.52 22.39 14.52
N SER A 336 -12.56 23.25 14.11
CA SER A 336 -11.27 23.27 14.79
C SER A 336 -11.48 23.78 16.24
N LYS A 337 -12.43 24.74 16.38
CA LYS A 337 -12.70 25.27 17.73
C LYS A 337 -13.30 24.13 18.56
N ALA A 338 -14.26 23.34 18.10
CA ALA A 338 -14.76 22.16 18.86
C ALA A 338 -13.58 21.25 19.32
N LEU A 339 -12.69 20.93 18.38
CA LEU A 339 -11.68 19.91 18.69
C LEU A 339 -10.70 20.44 19.74
N SER A 340 -10.36 21.73 19.64
CA SER A 340 -9.40 22.34 20.62
C SER A 340 -10.08 22.69 21.98
N ASP A 341 -11.41 22.89 21.97
CA ASP A 341 -12.20 23.10 23.23
C ASP A 341 -12.60 21.79 23.86
N GLY A 342 -11.84 20.75 23.47
CA GLY A 342 -12.07 19.37 23.88
C GLY A 342 -13.46 18.74 23.72
N TYR A 343 -14.19 19.07 22.66
CA TYR A 343 -15.39 18.35 22.29
C TYR A 343 -14.99 17.23 21.35
N LEU A 344 -14.78 16.03 21.90
CA LEU A 344 -14.36 14.85 21.21
C LEU A 344 -15.35 13.68 21.38
N THR A 345 -15.52 12.94 20.31
CA THR A 345 -16.36 11.75 20.29
C THR A 345 -15.55 10.60 20.90
N CYS A 346 -16.19 9.46 21.12
CA CYS A 346 -15.58 8.36 21.91
C CYS A 346 -14.31 7.81 21.27
N GLU A 347 -14.20 7.76 19.94
CA GLU A 347 -13.09 7.09 19.35
C GLU A 347 -11.84 7.97 19.41
N LEU A 348 -11.96 9.23 19.85
CA LEU A 348 -10.82 10.11 20.00
C LEU A 348 -10.43 10.24 21.48
N LEU A 349 -11.02 9.42 22.37
CA LEU A 349 -10.68 9.41 23.81
C LEU A 349 -10.25 8.01 24.19
N PRO A 350 -9.55 7.84 25.35
CA PRO A 350 -9.25 6.49 25.83
C PRO A 350 -10.52 5.80 26.26
N ALA A 351 -10.46 4.47 26.35
CA ALA A 351 -11.64 3.72 26.73
C ALA A 351 -12.05 4.08 28.17
N SER A 352 -11.09 4.58 28.96
CA SER A 352 -11.40 4.94 30.38
C SER A 352 -12.12 6.29 30.52
N GLU A 353 -12.20 7.04 29.42
CA GLU A 353 -12.76 8.40 29.41
C GLU A 353 -14.08 8.43 28.61
N ARG A 354 -14.56 7.22 28.29
CA ARG A 354 -15.85 7.02 27.62
C ARG A 354 -16.93 7.95 28.12
N SER A 355 -17.05 8.16 29.44
CA SER A 355 -18.14 9.04 29.85
C SER A 355 -18.00 10.59 29.64
N GLN A 356 -16.81 11.06 29.22
CA GLN A 356 -16.58 12.46 28.77
C GLN A 356 -16.83 12.64 27.23
N ALA A 357 -17.02 11.52 26.53
CA ALA A 357 -17.25 11.55 25.08
C ALA A 357 -18.52 12.30 24.81
N LYS A 358 -18.50 13.03 23.69
CA LYS A 358 -19.69 13.73 23.25
C LYS A 358 -20.40 12.86 22.22
N SER A 359 -21.71 12.96 22.13
CA SER A 359 -22.51 12.23 21.14
C SER A 359 -22.42 13.00 19.82
N THR A 360 -22.94 12.28 18.85
CA THR A 360 -23.07 12.82 17.47
C THR A 360 -23.78 14.16 17.49
N SER A 361 -24.91 14.21 18.23
CA SER A 361 -25.71 15.49 18.23
C SER A 361 -25.12 16.61 19.11
N GLN A 362 -24.40 16.25 20.19
CA GLN A 362 -23.67 17.25 21.02
C GLN A 362 -22.57 17.98 20.18
N MET A 363 -21.90 17.11 19.36
CA MET A 363 -20.90 17.69 18.46
C MET A 363 -21.50 18.62 17.44
N GLY A 364 -22.58 18.19 16.80
CA GLY A 364 -23.22 19.08 15.80
C GLY A 364 -23.76 20.34 16.48
N ASP A 365 -24.35 20.15 17.71
CA ASP A 365 -24.83 21.38 18.40
C ASP A 365 -23.70 22.37 18.67
N TYR A 366 -22.53 21.89 19.12
CA TYR A 366 -21.50 22.78 19.46
C TYR A 366 -21.05 23.48 18.21
N ILE A 367 -20.88 22.69 17.12
CA ILE A 367 -20.28 23.31 15.92
C ILE A 367 -21.24 24.32 15.26
N ALA A 368 -22.50 23.95 15.19
CA ALA A 368 -23.57 24.88 14.73
C ALA A 368 -23.61 26.17 15.59
N GLN A 369 -23.47 26.00 16.90
CA GLN A 369 -23.49 27.22 17.79
C GLN A 369 -22.27 28.06 17.55
N ALA A 370 -21.14 27.37 17.36
CA ALA A 370 -19.91 28.11 17.13
C ALA A 370 -19.99 28.93 15.78
N ILE A 371 -20.74 28.43 14.78
CA ILE A 371 -20.95 29.18 13.50
C ILE A 371 -21.74 30.46 13.75
N ALA A 372 -22.78 30.36 14.59
CA ALA A 372 -23.64 31.54 14.95
C ALA A 372 -22.83 32.59 15.70
N GLU A 373 -21.81 32.18 16.43
CA GLU A 373 -20.93 33.11 17.18
C GLU A 373 -19.99 33.89 16.33
N GLY A 374 -19.83 33.46 15.08
CA GLY A 374 -19.31 34.30 13.99
C GLY A 374 -17.83 34.31 14.08
N HIS B 7 18.67 -29.63 -14.57
CA HIS B 7 19.34 -29.91 -13.23
C HIS B 7 18.44 -30.23 -12.04
N HIS B 8 18.67 -31.39 -11.43
CA HIS B 8 18.18 -31.77 -10.07
C HIS B 8 19.36 -32.23 -9.18
N HIS B 9 19.15 -32.30 -7.88
CA HIS B 9 20.19 -32.83 -7.04
C HIS B 9 20.15 -34.36 -7.09
N HIS B 10 21.31 -34.97 -7.35
CA HIS B 10 21.59 -36.41 -7.12
C HIS B 10 22.52 -36.56 -5.86
N GLY B 11 22.26 -37.41 -4.87
CA GLY B 11 23.33 -37.77 -3.80
C GLY B 11 24.84 -37.25 -3.68
N SER B 12 25.30 -36.44 -4.68
CA SER B 12 26.60 -35.72 -4.98
C SER B 12 26.82 -34.37 -4.25
N SER B 13 27.74 -33.51 -4.68
CA SER B 13 27.82 -32.14 -4.00
C SER B 13 26.66 -31.24 -4.45
N TYR B 14 26.17 -30.43 -3.51
CA TYR B 14 25.23 -29.35 -3.90
C TYR B 14 25.98 -28.27 -4.71
N GLN B 15 25.24 -27.61 -5.59
CA GLN B 15 25.81 -26.53 -6.43
C GLN B 15 25.05 -25.26 -6.06
N ILE B 16 25.78 -24.26 -5.62
CA ILE B 16 25.17 -22.92 -5.37
C ILE B 16 25.78 -21.95 -6.36
N ALA B 17 24.99 -21.15 -7.05
CA ALA B 17 25.48 -20.03 -7.85
C ALA B 17 25.40 -18.75 -7.02
N VAL B 18 26.51 -18.01 -6.94
CA VAL B 18 26.65 -16.79 -6.11
C VAL B 18 26.64 -15.59 -7.04
N LEU B 19 25.60 -14.74 -6.90
CA LEU B 19 25.42 -13.51 -7.69
C LEU B 19 25.40 -12.28 -6.78
N ALA B 20 26.57 -11.80 -6.41
CA ALA B 20 26.69 -10.77 -5.34
C ALA B 20 26.07 -9.41 -5.80
N GLY B 21 26.18 -9.07 -7.08
CA GLY B 21 25.66 -7.80 -7.62
C GLY B 21 26.54 -6.59 -7.24
N ASP B 22 25.85 -5.50 -6.88
CA ASP B 22 26.41 -4.16 -6.75
C ASP B 22 26.44 -3.67 -5.30
N GLY B 23 27.03 -2.46 -5.16
CA GLY B 23 27.06 -1.77 -3.87
C GLY B 23 27.56 -2.60 -2.70
N ILE B 24 26.77 -2.68 -1.65
CA ILE B 24 27.04 -3.59 -0.52
C ILE B 24 26.95 -5.09 -0.76
N GLY B 25 26.45 -5.50 -1.94
CA GLY B 25 26.32 -6.97 -2.27
C GLY B 25 27.58 -7.76 -1.91
N PRO B 26 28.76 -7.36 -2.46
CA PRO B 26 29.98 -8.16 -2.21
C PRO B 26 30.38 -8.25 -0.75
N GLU B 27 30.29 -7.08 -0.04
CA GLU B 27 30.74 -7.16 1.33
C GLU B 27 29.82 -7.95 2.19
N VAL B 28 28.50 -7.84 1.98
CA VAL B 28 27.72 -8.78 2.81
C VAL B 28 27.67 -10.27 2.37
N MET B 29 27.87 -10.50 1.07
CA MET B 29 28.10 -11.84 0.57
C MET B 29 29.33 -12.51 1.14
N ALA B 30 30.38 -11.71 1.35
CA ALA B 30 31.57 -12.24 2.01
C ALA B 30 31.23 -12.83 3.39
N GLU B 31 30.29 -12.19 4.15
CA GLU B 31 29.97 -12.63 5.50
C GLU B 31 29.10 -13.89 5.42
N ALA B 32 28.20 -13.91 4.42
CA ALA B 32 27.41 -15.09 4.15
C ALA B 32 28.28 -16.32 3.78
N ARG B 33 29.28 -16.07 2.96
CA ARG B 33 30.23 -17.20 2.57
C ARG B 33 31.04 -17.69 3.81
N LYS B 34 31.40 -16.75 4.69
CA LYS B 34 32.02 -17.10 5.97
C LYS B 34 31.13 -17.96 6.83
N VAL B 35 29.88 -17.49 7.02
CA VAL B 35 28.96 -18.33 7.72
C VAL B 35 28.70 -19.68 7.08
N LEU B 36 28.61 -19.73 5.75
CA LEU B 36 28.38 -21.03 5.10
C LEU B 36 29.57 -22.02 5.31
N ALA B 37 30.77 -21.47 5.25
CA ALA B 37 32.01 -22.29 5.51
C ALA B 37 31.89 -22.94 6.89
N ALA B 38 31.52 -22.13 7.92
CA ALA B 38 31.33 -22.70 9.27
C ALA B 38 30.31 -23.78 9.32
N VAL B 39 29.17 -23.50 8.67
CA VAL B 39 28.10 -24.49 8.60
C VAL B 39 28.51 -25.81 7.85
N GLU B 40 29.21 -25.68 6.71
CA GLU B 40 29.68 -26.87 6.00
C GLU B 40 30.64 -27.69 6.89
N LYS B 41 31.46 -27.02 7.69
CA LYS B 41 32.39 -27.75 8.61
C LYS B 41 31.56 -28.44 9.68
N ARG B 42 30.66 -27.71 10.36
CA ARG B 42 29.95 -28.32 11.48
C ARG B 42 29.04 -29.47 11.07
N PHE B 43 28.46 -29.37 9.89
CA PHE B 43 27.52 -30.41 9.50
C PHE B 43 28.08 -31.34 8.44
N ASP B 44 29.34 -31.16 8.13
CA ASP B 44 29.99 -31.98 7.10
C ASP B 44 29.21 -32.01 5.78
N LEU B 45 28.89 -30.82 5.30
CA LEU B 45 28.25 -30.64 4.00
C LEU B 45 29.24 -30.58 2.85
N SER B 46 28.79 -31.08 1.69
CA SER B 46 29.50 -31.09 0.46
C SER B 46 28.81 -30.10 -0.49
N ILE B 47 29.40 -28.92 -0.64
CA ILE B 47 28.91 -27.81 -1.51
C ILE B 47 30.01 -27.23 -2.40
N GLU B 48 29.66 -27.05 -3.68
CA GLU B 48 30.44 -26.38 -4.69
C GLU B 48 29.81 -25.05 -5.01
N TYR B 49 30.60 -24.04 -5.16
CA TYR B 49 30.10 -22.69 -5.45
C TYR B 49 30.65 -22.19 -6.79
N SER B 50 29.89 -21.37 -7.49
CA SER B 50 30.29 -20.71 -8.72
C SER B 50 29.88 -19.24 -8.62
N GLU B 51 30.74 -18.30 -8.93
CA GLU B 51 30.37 -16.85 -8.83
C GLU B 51 30.13 -16.28 -10.20
N TYR B 52 29.12 -15.39 -10.32
CA TYR B 52 28.73 -14.84 -11.59
C TYR B 52 28.46 -13.37 -11.39
N ASP B 53 28.87 -12.56 -12.36
CA ASP B 53 28.48 -11.12 -12.40
C ASP B 53 26.98 -10.96 -12.72
N VAL B 54 26.36 -10.00 -11.96
CA VAL B 54 24.95 -9.71 -12.32
C VAL B 54 24.74 -8.21 -11.99
N GLY B 55 23.74 -7.64 -12.61
CA GLY B 55 23.50 -6.20 -12.32
C GLY B 55 24.47 -5.23 -12.93
N GLY B 56 24.73 -4.11 -12.24
CA GLY B 56 25.70 -3.12 -12.75
C GLY B 56 27.09 -3.69 -12.92
N ALA B 57 27.50 -4.57 -11.98
CA ALA B 57 28.83 -5.28 -12.13
C ALA B 57 28.87 -5.92 -13.48
N ALA B 58 27.75 -6.57 -13.89
CA ALA B 58 27.69 -7.26 -15.20
C ALA B 58 27.71 -6.28 -16.37
N ILE B 59 27.00 -5.16 -16.22
CA ILE B 59 27.09 -4.08 -17.24
C ILE B 59 28.52 -3.60 -17.42
N ASP B 60 29.20 -3.25 -16.35
CA ASP B 60 30.55 -2.74 -16.40
C ASP B 60 31.54 -3.77 -16.98
N ASN B 61 31.34 -5.03 -16.63
CA ASN B 61 32.29 -6.05 -17.06
C ASN B 61 31.98 -6.78 -18.36
N HIS B 62 30.70 -6.85 -18.73
CA HIS B 62 30.22 -7.73 -19.84
C HIS B 62 29.27 -7.05 -20.74
N GLY B 63 28.76 -5.89 -20.32
CA GLY B 63 27.97 -5.06 -21.21
C GLY B 63 26.46 -5.30 -21.13
N CYS B 64 25.99 -6.06 -20.14
CA CYS B 64 24.51 -6.25 -19.95
C CYS B 64 24.22 -6.76 -18.54
N PRO B 65 23.03 -6.49 -18.00
CA PRO B 65 22.87 -6.86 -16.56
C PRO B 65 22.73 -8.36 -16.19
N LEU B 66 22.39 -9.23 -17.17
CA LEU B 66 22.27 -10.68 -16.92
C LEU B 66 22.95 -11.43 -18.10
N PRO B 67 24.29 -11.55 -18.04
CA PRO B 67 25.07 -12.24 -19.11
C PRO B 67 24.58 -13.66 -19.27
N GLU B 68 24.59 -14.16 -20.55
CA GLU B 68 24.23 -15.60 -20.84
C GLU B 68 25.03 -16.57 -19.91
N ALA B 69 26.32 -16.29 -19.64
CA ALA B 69 27.13 -17.11 -18.67
C ALA B 69 26.53 -17.16 -17.26
N THR B 70 25.98 -16.02 -16.82
CA THR B 70 25.31 -15.93 -15.52
C THR B 70 23.97 -16.74 -15.50
N LEU B 71 23.15 -16.62 -16.53
CA LEU B 71 21.90 -17.36 -16.64
C LEU B 71 22.22 -18.86 -16.64
N LYS B 72 23.18 -19.27 -17.46
CA LYS B 72 23.51 -20.71 -17.49
C LYS B 72 24.09 -21.19 -16.14
N GLY B 73 24.84 -20.37 -15.43
CA GLY B 73 25.45 -20.75 -14.23
C GLY B 73 24.35 -21.00 -13.20
N CYS B 74 23.25 -20.19 -13.31
CA CYS B 74 22.08 -20.47 -12.41
C CYS B 74 21.27 -21.75 -12.74
N GLU B 75 21.16 -22.02 -14.04
CA GLU B 75 20.55 -23.22 -14.52
C GLU B 75 21.22 -24.55 -14.02
N ALA B 76 22.52 -24.42 -13.86
CA ALA B 76 23.36 -25.56 -13.41
C ALA B 76 23.38 -25.79 -11.88
N ALA B 77 22.74 -24.85 -11.16
CA ALA B 77 22.75 -24.89 -9.68
C ALA B 77 21.45 -25.44 -9.05
N ASP B 78 21.55 -25.91 -7.81
CA ASP B 78 20.44 -26.29 -7.00
C ASP B 78 19.73 -25.01 -6.44
N ALA B 79 20.48 -23.92 -6.37
CA ALA B 79 19.88 -22.66 -5.78
C ALA B 79 20.83 -21.53 -6.07
N VAL B 80 20.33 -20.32 -5.98
CA VAL B 80 21.11 -19.14 -6.18
C VAL B 80 21.18 -18.29 -4.92
N LEU B 81 22.36 -17.92 -4.46
CA LEU B 81 22.55 -16.90 -3.39
C LEU B 81 22.75 -15.63 -4.02
N PHE B 82 21.81 -14.66 -3.86
CA PHE B 82 21.85 -13.40 -4.61
C PHE B 82 22.02 -12.25 -3.65
N GLY B 83 22.77 -11.27 -4.06
CA GLY B 83 23.02 -10.02 -3.29
C GLY B 83 21.89 -9.00 -3.58
N SER B 84 22.35 -7.89 -4.14
CA SER B 84 21.46 -6.82 -4.65
C SER B 84 22.06 -6.10 -5.82
N VAL B 85 21.22 -5.52 -6.65
CA VAL B 85 21.66 -4.85 -7.84
C VAL B 85 21.03 -3.46 -7.92
N GLY B 86 21.64 -2.58 -8.69
CA GLY B 86 21.12 -1.22 -8.90
C GLY B 86 22.14 -0.23 -8.40
N GLY B 87 22.05 1.01 -8.91
CA GLY B 87 22.91 2.12 -8.42
C GLY B 87 22.78 3.34 -9.32
N PRO B 88 23.14 4.54 -8.81
CA PRO B 88 22.92 5.68 -9.70
C PRO B 88 23.77 5.67 -10.97
N LYS B 89 24.91 4.95 -10.98
CA LYS B 89 25.74 4.87 -12.23
C LYS B 89 24.89 4.36 -13.44
N TRP B 90 23.91 3.50 -13.18
CA TRP B 90 23.21 2.80 -14.28
C TRP B 90 21.78 3.31 -14.47
N GLU B 91 21.37 4.28 -13.64
CA GLU B 91 19.94 4.62 -13.64
C GLU B 91 19.50 5.48 -14.82
N HIS B 92 20.48 5.88 -15.64
CA HIS B 92 20.26 6.74 -16.79
C HIS B 92 20.07 5.93 -18.06
N LEU B 93 20.32 4.61 -17.99
CA LEU B 93 20.30 3.77 -19.17
C LEU B 93 18.86 3.51 -19.63
N PRO B 94 18.67 3.02 -20.88
CA PRO B 94 17.26 2.66 -21.27
C PRO B 94 16.71 1.65 -20.26
N PRO B 95 15.40 1.71 -19.97
CA PRO B 95 14.92 0.87 -18.85
C PRO B 95 15.27 -0.64 -18.88
N ASN B 96 15.23 -1.31 -20.06
CA ASN B 96 15.54 -2.76 -20.10
C ASN B 96 17.01 -3.10 -19.94
N ASP B 97 17.86 -2.07 -19.90
CA ASP B 97 19.30 -2.26 -19.80
C ASP B 97 19.76 -2.10 -18.33
N GLN B 98 18.84 -1.65 -17.47
CA GLN B 98 19.18 -1.36 -16.04
C GLN B 98 19.27 -2.60 -15.15
N PRO B 99 19.98 -2.50 -13.99
CA PRO B 99 20.22 -3.70 -13.24
C PRO B 99 19.02 -4.47 -12.76
N GLU B 100 18.06 -3.76 -12.13
CA GLU B 100 16.96 -4.46 -11.53
C GLU B 100 15.96 -5.06 -12.48
N ARG B 101 15.50 -4.22 -13.42
CA ARG B 101 14.48 -4.68 -14.36
C ARG B 101 15.17 -5.72 -15.26
N GLY B 102 16.45 -5.46 -15.58
CA GLY B 102 17.12 -6.31 -16.54
C GLY B 102 17.58 -7.63 -16.01
N ALA B 103 17.70 -7.75 -14.68
CA ALA B 103 18.07 -9.07 -14.09
C ALA B 103 16.94 -9.79 -13.36
N LEU B 104 16.15 -9.08 -12.52
CA LEU B 104 15.20 -9.75 -11.69
C LEU B 104 13.97 -10.28 -12.41
N LEU B 105 13.46 -9.49 -13.35
CA LEU B 105 12.22 -9.97 -14.01
C LEU B 105 12.51 -11.15 -14.99
N PRO B 106 13.60 -11.06 -15.79
CA PRO B 106 14.07 -12.24 -16.61
C PRO B 106 14.37 -13.46 -15.73
N LEU B 107 15.03 -13.33 -14.55
CA LEU B 107 15.29 -14.47 -13.72
C LEU B 107 13.99 -15.15 -13.31
N ARG B 108 13.05 -14.29 -12.77
CA ARG B 108 11.86 -14.86 -12.29
C ARG B 108 11.02 -15.64 -13.35
N GLY B 109 10.98 -15.01 -14.53
CA GLY B 109 10.23 -15.53 -15.72
C GLY B 109 10.95 -16.82 -16.17
N HIS B 110 12.26 -16.73 -16.35
CA HIS B 110 13.04 -17.90 -16.91
C HIS B 110 12.88 -19.14 -16.03
N PHE B 111 13.02 -18.93 -14.71
CA PHE B 111 13.00 -20.00 -13.81
C PHE B 111 11.69 -20.36 -13.18
N GLU B 112 10.63 -19.70 -13.62
CA GLU B 112 9.29 -20.00 -13.14
C GLU B 112 9.13 -19.91 -11.60
N LEU B 113 9.78 -18.85 -11.06
CA LEU B 113 9.83 -18.61 -9.60
C LEU B 113 8.47 -17.98 -9.24
N PHE B 114 7.45 -18.79 -9.22
CA PHE B 114 6.07 -18.25 -9.00
C PHE B 114 5.86 -17.87 -7.53
N CYS B 115 6.69 -18.39 -6.66
CA CYS B 115 6.50 -18.28 -5.20
C CYS B 115 7.52 -17.32 -4.59
N ASN B 116 7.06 -16.17 -4.09
CA ASN B 116 7.89 -15.29 -3.28
C ASN B 116 7.43 -15.27 -1.83
N MET B 117 8.42 -15.45 -0.93
CA MET B 117 8.11 -15.49 0.52
C MET B 117 9.06 -14.50 1.20
N ARG B 118 8.45 -13.56 1.94
CA ARG B 118 9.21 -12.53 2.69
C ARG B 118 8.80 -12.58 4.14
N PRO B 119 9.66 -13.24 4.96
CA PRO B 119 9.32 -13.38 6.40
C PRO B 119 9.77 -12.10 7.10
N ALA B 120 8.91 -11.60 7.98
CA ALA B 120 9.25 -10.37 8.76
C ALA B 120 8.72 -10.43 10.16
N LYS B 121 9.61 -10.06 11.08
CA LYS B 121 9.16 -10.03 12.46
C LYS B 121 9.94 -9.01 13.26
N LEU B 122 9.40 -8.66 14.43
CA LEU B 122 10.15 -7.84 15.35
C LEU B 122 10.97 -8.76 16.20
N HIS B 123 12.28 -8.57 16.07
CA HIS B 123 13.27 -9.35 16.85
C HIS B 123 13.20 -8.89 18.27
N PRO B 124 13.39 -9.82 19.24
CA PRO B 124 13.46 -9.39 20.67
C PRO B 124 14.48 -8.34 20.95
N GLY B 125 14.01 -7.29 21.57
CA GLY B 125 14.79 -6.14 21.93
C GLY B 125 14.91 -5.07 20.84
N LEU B 126 14.34 -5.37 19.65
CA LEU B 126 14.32 -4.35 18.62
C LEU B 126 12.96 -3.85 18.20
N GLU B 127 12.00 -4.09 19.07
CA GLU B 127 10.64 -3.67 18.77
C GLU B 127 10.61 -2.14 18.64
N HIS B 128 11.41 -1.37 19.39
CA HIS B 128 11.44 0.07 19.37
C HIS B 128 11.86 0.67 18.04
N MET B 129 12.51 -0.13 17.20
CA MET B 129 12.87 0.30 15.87
C MET B 129 11.71 0.53 14.94
N SER B 130 10.60 -0.14 15.25
CA SER B 130 9.41 -0.02 14.42
C SER B 130 8.96 1.45 14.42
N PRO B 131 8.40 1.96 13.31
CA PRO B 131 7.87 3.32 13.24
C PRO B 131 6.42 3.36 13.81
N LEU B 132 5.96 2.31 14.44
CA LEU B 132 4.66 2.26 15.12
C LEU B 132 4.76 2.79 16.53
N ARG B 133 3.61 3.27 17.00
CA ARG B 133 3.45 3.71 18.43
C ARG B 133 3.89 2.55 19.32
N SER B 134 4.60 2.93 20.41
CA SER B 134 5.16 1.90 21.31
CA SER B 134 5.15 1.87 21.31
C SER B 134 4.15 0.84 21.82
N ASP B 135 2.91 1.26 22.19
CA ASP B 135 1.96 0.29 22.66
C ASP B 135 1.51 -0.74 21.65
N ILE B 136 1.79 -0.46 20.40
CA ILE B 136 1.58 -1.40 19.33
C ILE B 136 2.90 -2.23 19.13
N SER B 137 3.99 -1.54 18.83
CA SER B 137 5.22 -2.34 18.54
C SER B 137 5.65 -3.22 19.72
N GLU B 138 5.33 -2.79 20.94
CA GLU B 138 5.93 -3.59 22.06
C GLU B 138 5.31 -4.98 22.14
N LYS B 139 4.15 -5.17 21.51
CA LYS B 139 3.47 -6.45 21.47
C LYS B 139 4.13 -7.44 20.52
N GLY B 140 4.97 -6.93 19.60
CA GLY B 140 5.58 -7.87 18.62
C GLY B 140 4.66 -8.13 17.44
N PHE B 141 5.34 -8.65 16.41
CA PHE B 141 4.58 -9.20 15.31
C PHE B 141 5.48 -10.12 14.54
N ASP B 142 4.88 -10.95 13.70
CA ASP B 142 5.63 -11.85 12.83
C ASP B 142 4.68 -12.20 11.69
N ILE B 143 4.98 -11.66 10.52
CA ILE B 143 4.05 -11.82 9.37
C ILE B 143 4.89 -12.33 8.19
N LEU B 144 4.35 -13.41 7.64
CA LEU B 144 5.03 -14.00 6.44
C LEU B 144 4.14 -13.59 5.22
N CYS B 145 4.81 -12.89 4.30
CA CYS B 145 4.10 -12.50 3.07
CA CYS B 145 4.09 -12.53 3.06
C CYS B 145 4.39 -13.49 1.96
N VAL B 146 3.31 -14.12 1.45
CA VAL B 146 3.41 -15.09 0.28
C VAL B 146 2.85 -14.23 -0.93
N ARG B 147 3.75 -13.96 -1.87
CA ARG B 147 3.44 -13.11 -3.07
C ARG B 147 3.58 -14.02 -4.32
N GLU B 148 2.54 -13.99 -5.18
CA GLU B 148 2.60 -14.70 -6.50
C GLU B 148 3.49 -13.84 -7.38
N LEU B 149 4.55 -14.43 -7.95
CA LEU B 149 5.65 -13.72 -8.54
C LEU B 149 5.81 -13.72 -10.06
N THR B 150 5.07 -14.63 -10.75
CA THR B 150 5.34 -14.71 -12.23
C THR B 150 4.04 -14.47 -13.01
N GLY B 151 2.91 -14.16 -12.34
CA GLY B 151 1.66 -13.89 -13.07
C GLY B 151 1.21 -12.45 -12.85
N GLY B 152 -0.09 -12.25 -13.04
CA GLY B 152 -0.69 -10.97 -12.88
C GLY B 152 -0.22 -9.90 -13.83
N ILE B 153 -0.10 -8.64 -13.39
CA ILE B 153 0.22 -7.53 -14.29
C ILE B 153 1.70 -7.43 -14.60
N TYR B 154 2.55 -8.18 -13.91
CA TYR B 154 4.01 -8.09 -14.18
C TYR B 154 4.36 -8.72 -15.55
N PHE B 155 3.71 -9.84 -15.85
CA PHE B 155 4.03 -10.70 -16.99
C PHE B 155 2.83 -10.80 -17.92
N GLY B 156 1.71 -10.16 -17.60
CA GLY B 156 0.54 -10.19 -18.48
C GLY B 156 0.77 -9.44 -19.77
N LYS B 157 0.07 -9.97 -20.81
CA LYS B 157 0.07 -9.34 -22.10
C LYS B 157 -1.37 -9.18 -22.57
N PRO B 158 -1.66 -8.15 -23.35
CA PRO B 158 -0.65 -7.20 -23.90
C PRO B 158 -0.27 -6.05 -22.99
N LYS B 159 0.88 -5.47 -23.32
CA LYS B 159 1.39 -4.26 -22.70
C LYS B 159 1.97 -3.36 -23.75
N GLY B 160 1.87 -2.06 -23.60
CA GLY B 160 2.59 -1.16 -24.48
C GLY B 160 1.76 0.06 -24.71
N ARG B 161 1.94 0.68 -25.88
CA ARG B 161 1.24 1.93 -26.18
C ARG B 161 0.48 1.90 -27.53
N GLN B 162 -0.47 2.80 -27.67
CA GLN B 162 -1.17 2.97 -28.98
C GLN B 162 -1.45 4.42 -29.07
N GLY B 163 -1.59 4.87 -30.34
CA GLY B 163 -1.89 6.25 -30.65
C GLY B 163 -0.76 7.19 -30.53
N GLU B 164 -1.15 8.46 -30.62
CA GLU B 164 -0.27 9.59 -30.87
C GLU B 164 -0.96 10.87 -30.21
N GLY B 165 -0.17 11.79 -29.68
CA GLY B 165 -0.72 13.08 -28.98
C GLY B 165 -1.62 12.86 -27.76
N GLU B 166 -2.85 13.41 -27.72
CA GLU B 166 -3.72 13.33 -26.52
C GLU B 166 -4.31 11.96 -26.25
N ASN B 167 -4.39 11.27 -27.39
CA ASN B 167 -4.88 9.93 -27.39
C ASN B 167 -3.60 9.08 -27.50
N GLU B 168 -2.32 9.57 -27.33
CA GLU B 168 -1.31 8.55 -26.97
C GLU B 168 -1.77 7.84 -25.67
N GLU B 169 -1.79 6.52 -25.68
CA GLU B 169 -2.28 5.76 -24.49
C GLU B 169 -1.41 4.60 -24.26
N ALA B 170 -1.33 4.25 -22.97
CA ALA B 170 -0.61 3.03 -22.59
C ALA B 170 -1.53 1.99 -21.93
N PHE B 171 -1.08 0.75 -21.93
CA PHE B 171 -1.93 -0.30 -21.34
C PHE B 171 -1.02 -1.33 -20.75
N ASP B 172 -1.57 -2.04 -19.73
CA ASP B 172 -1.02 -3.25 -19.08
C ASP B 172 -2.15 -4.18 -18.76
N THR B 173 -1.84 -5.45 -18.81
CA THR B 173 -2.91 -6.45 -18.57
C THR B 173 -2.57 -7.35 -17.42
N MET B 174 -3.47 -7.36 -16.46
CA MET B 174 -3.38 -8.31 -15.29
C MET B 174 -4.12 -9.57 -15.69
N ARG B 175 -3.41 -10.70 -15.62
CA ARG B 175 -4.09 -11.99 -15.95
C ARG B 175 -3.74 -13.04 -14.88
N TYR B 176 -4.74 -13.88 -14.57
CA TYR B 176 -4.50 -14.99 -13.61
C TYR B 176 -5.41 -16.14 -14.00
N SER B 177 -4.80 -17.32 -14.09
CA SER B 177 -5.58 -18.59 -14.30
C SER B 177 -5.73 -19.28 -13.01
N ARG B 178 -6.69 -20.21 -12.98
CA ARG B 178 -6.96 -20.99 -11.79
C ARG B 178 -5.68 -21.71 -11.38
N LYS B 179 -4.90 -22.27 -12.32
CA LYS B 179 -3.70 -23.01 -11.96
C LYS B 179 -2.74 -22.11 -11.21
N GLU B 180 -2.57 -20.85 -11.66
CA GLU B 180 -1.61 -19.95 -11.01
C GLU B 180 -2.09 -19.54 -9.62
N ILE B 181 -3.38 -19.32 -9.40
CA ILE B 181 -3.89 -18.95 -8.07
C ILE B 181 -3.77 -20.16 -7.14
N ARG B 182 -4.12 -21.38 -7.62
CA ARG B 182 -4.14 -22.58 -6.72
C ARG B 182 -2.68 -22.86 -6.26
N ARG B 183 -1.68 -22.79 -7.12
CA ARG B 183 -0.33 -23.16 -6.66
C ARG B 183 0.23 -22.24 -5.60
N ILE B 184 -0.06 -20.95 -5.71
CA ILE B 184 0.50 -20.01 -4.70
C ILE B 184 -0.42 -20.08 -3.45
N ALA B 185 -1.74 -20.29 -3.52
CA ALA B 185 -2.58 -20.47 -2.34
C ALA B 185 -2.13 -21.66 -1.50
N LYS B 186 -1.81 -22.78 -2.15
CA LYS B 186 -1.34 -23.93 -1.37
C LYS B 186 -0.18 -23.57 -0.47
N ILE B 187 0.79 -22.89 -1.01
CA ILE B 187 1.98 -22.55 -0.23
CA ILE B 187 2.00 -22.48 -0.26
C ILE B 187 1.60 -21.67 0.97
N ALA B 188 0.68 -20.73 0.82
CA ALA B 188 0.27 -19.95 1.96
C ALA B 188 -0.40 -20.77 3.02
N PHE B 189 -1.29 -21.69 2.61
CA PHE B 189 -1.96 -22.57 3.57
C PHE B 189 -0.97 -23.54 4.26
N GLU B 190 -0.01 -24.11 3.50
CA GLU B 190 0.96 -25.02 4.15
C GLU B 190 1.78 -24.21 5.14
N SER B 191 2.16 -22.99 4.78
CA SER B 191 2.98 -22.08 5.64
C SER B 191 2.21 -21.73 6.89
N ALA B 192 0.93 -21.46 6.78
CA ALA B 192 0.09 -21.15 7.93
C ALA B 192 -0.09 -22.32 8.88
N GLN B 193 -0.20 -23.53 8.32
CA GLN B 193 -0.35 -24.69 9.16
C GLN B 193 0.83 -24.86 10.09
N GLY B 194 2.01 -24.46 9.63
CA GLY B 194 3.22 -24.53 10.46
C GLY B 194 3.46 -23.35 11.37
N ARG B 195 2.59 -22.35 11.32
CA ARG B 195 2.76 -21.08 12.06
C ARG B 195 1.60 -20.87 12.99
N ARG B 196 0.70 -19.94 12.71
CA ARG B 196 -0.42 -19.73 13.62
C ARG B 196 -1.81 -19.97 12.98
N LYS B 197 -1.82 -20.72 11.85
CA LYS B 197 -3.03 -21.19 11.22
C LYS B 197 -4.00 -20.07 10.83
N LYS B 198 -3.44 -19.00 10.18
CA LYS B 198 -4.29 -18.02 9.65
C LYS B 198 -3.65 -17.48 8.41
N VAL B 199 -4.56 -17.41 7.40
CA VAL B 199 -4.22 -16.83 6.07
C VAL B 199 -5.14 -15.63 5.85
N THR B 200 -4.50 -14.48 5.53
CA THR B 200 -5.25 -13.29 5.10
C THR B 200 -4.86 -13.03 3.63
N SER B 201 -5.90 -13.25 2.79
CA SER B 201 -5.83 -13.11 1.33
C SER B 201 -6.20 -11.67 0.99
N VAL B 202 -5.28 -10.98 0.30
CA VAL B 202 -5.41 -9.51 0.05
C VAL B 202 -5.75 -9.38 -1.43
N ASP B 203 -6.85 -8.69 -1.74
CA ASP B 203 -7.29 -8.58 -3.13
C ASP B 203 -8.05 -7.23 -3.31
N LYS B 204 -8.58 -7.06 -4.54
CA LYS B 204 -9.52 -5.96 -4.71
C LYS B 204 -10.70 -6.51 -5.48
N ALA B 205 -11.40 -7.43 -4.84
CA ALA B 205 -12.47 -8.18 -5.54
C ALA B 205 -13.69 -7.35 -5.79
N ASN B 206 -13.81 -6.15 -5.23
CA ASN B 206 -14.88 -5.24 -5.62
C ASN B 206 -14.56 -4.42 -6.89
N VAL B 207 -13.43 -4.65 -7.55
CA VAL B 207 -13.03 -3.83 -8.72
C VAL B 207 -12.44 -4.73 -9.76
N LEU B 208 -11.61 -5.70 -9.43
CA LEU B 208 -10.93 -6.48 -10.43
C LEU B 208 -11.48 -7.88 -10.67
N ALA B 209 -11.66 -8.21 -11.95
CA ALA B 209 -12.05 -9.60 -12.27
C ALA B 209 -10.99 -10.58 -11.81
N CYS B 210 -9.69 -10.25 -11.91
CA CYS B 210 -8.71 -11.20 -11.42
C CYS B 210 -8.88 -11.43 -9.92
N SER B 211 -9.33 -10.42 -9.12
CA SER B 211 -9.48 -10.60 -7.65
C SER B 211 -10.75 -11.40 -7.39
N VAL B 212 -11.83 -11.30 -8.19
CA VAL B 212 -13.04 -12.18 -8.02
C VAL B 212 -12.57 -13.61 -8.22
N LEU B 213 -11.74 -13.92 -9.21
CA LEU B 213 -11.34 -15.33 -9.48
C LEU B 213 -10.36 -15.72 -8.38
N TRP B 214 -9.44 -14.85 -7.94
CA TRP B 214 -8.50 -15.12 -6.83
C TRP B 214 -9.29 -15.55 -5.64
N ARG B 215 -10.26 -14.81 -5.20
CA ARG B 215 -10.98 -15.10 -3.97
C ARG B 215 -11.74 -16.46 -4.16
N GLU B 216 -12.35 -16.73 -5.32
CA GLU B 216 -13.01 -18.06 -5.54
C GLU B 216 -12.00 -19.19 -5.42
N VAL B 217 -10.83 -19.10 -6.06
CA VAL B 217 -9.89 -20.24 -6.06
C VAL B 217 -9.31 -20.39 -4.65
N VAL B 218 -8.98 -19.29 -3.95
CA VAL B 218 -8.56 -19.37 -2.55
C VAL B 218 -9.59 -20.04 -1.67
N GLU B 219 -10.86 -19.76 -1.85
CA GLU B 219 -11.93 -20.45 -1.05
C GLU B 219 -11.89 -21.95 -1.34
N GLU B 220 -11.69 -22.34 -2.62
CA GLU B 220 -11.58 -23.79 -2.94
C GLU B 220 -10.42 -24.41 -2.22
N VAL B 221 -9.24 -23.84 -2.27
CA VAL B 221 -8.09 -24.43 -1.67
C VAL B 221 -8.23 -24.49 -0.15
N ALA B 222 -8.91 -23.47 0.43
CA ALA B 222 -8.99 -23.41 1.88
C ALA B 222 -9.72 -24.65 2.46
N LYS B 223 -10.64 -25.24 1.69
CA LYS B 223 -11.44 -26.40 2.14
C LYS B 223 -10.49 -27.55 2.41
N ASP B 224 -9.33 -27.60 1.77
CA ASP B 224 -8.32 -28.68 2.04
C ASP B 224 -7.45 -28.47 3.31
N TYR B 225 -7.63 -27.33 3.99
CA TYR B 225 -6.83 -26.95 5.17
C TYR B 225 -7.85 -26.50 6.21
N PRO B 226 -8.69 -27.41 6.73
CA PRO B 226 -9.83 -26.96 7.57
C PRO B 226 -9.39 -26.41 8.93
N ASP B 227 -8.15 -26.65 9.30
CA ASP B 227 -7.57 -26.10 10.55
C ASP B 227 -7.05 -24.65 10.47
N VAL B 228 -7.02 -24.07 9.26
CA VAL B 228 -6.45 -22.76 9.03
C VAL B 228 -7.62 -21.80 8.85
N GLU B 229 -7.56 -20.66 9.54
CA GLU B 229 -8.56 -19.62 9.37
C GLU B 229 -8.23 -18.83 8.08
N LEU B 230 -9.27 -18.58 7.29
CA LEU B 230 -9.13 -17.78 6.06
C LEU B 230 -9.90 -16.50 6.29
N GLU B 231 -9.24 -15.36 5.99
CA GLU B 231 -10.06 -14.15 5.82
C GLU B 231 -9.56 -13.45 4.56
N HIS B 232 -10.44 -12.68 3.99
CA HIS B 232 -10.17 -11.82 2.83
C HIS B 232 -10.12 -10.39 3.30
N ILE B 233 -9.25 -9.61 2.64
CA ILE B 233 -9.22 -8.15 2.98
C ILE B 233 -8.87 -7.40 1.70
N TYR B 234 -9.49 -6.24 1.48
CA TYR B 234 -9.16 -5.44 0.34
C TYR B 234 -7.82 -4.74 0.54
N ILE B 235 -7.04 -4.61 -0.56
CA ILE B 235 -5.71 -3.97 -0.43
C ILE B 235 -5.67 -2.63 0.31
N ASP B 236 -6.61 -1.71 0.04
CA ASP B 236 -6.54 -0.41 0.68
C ASP B 236 -6.72 -0.60 2.21
N ASN B 237 -7.72 -1.40 2.58
CA ASN B 237 -7.94 -1.67 4.00
C ASN B 237 -6.76 -2.44 4.60
N ALA B 238 -6.14 -3.33 3.85
CA ALA B 238 -5.01 -4.11 4.44
C ALA B 238 -3.92 -3.15 4.81
N THR B 239 -3.67 -2.08 4.03
CA THR B 239 -2.62 -1.13 4.36
C THR B 239 -2.90 -0.40 5.67
N MET B 240 -4.21 -0.20 5.98
CA MET B 240 -4.55 0.43 7.24
C MET B 240 -4.52 -0.57 8.37
N GLN B 241 -4.94 -1.81 8.13
CA GLN B 241 -5.05 -2.72 9.31
C GLN B 241 -3.64 -3.17 9.72
N LEU B 242 -2.70 -3.30 8.79
CA LEU B 242 -1.31 -3.64 9.17
C LEU B 242 -0.71 -2.61 10.07
N LEU B 243 -1.09 -1.33 10.00
CA LEU B 243 -0.70 -0.27 11.00
C LEU B 243 -1.28 -0.49 12.35
N ARG B 244 -2.54 -0.84 12.44
CA ARG B 244 -3.15 -0.79 13.74
C ARG B 244 -3.05 -2.03 14.47
N ARG B 245 -2.94 -3.18 13.76
CA ARG B 245 -2.97 -4.47 14.45
C ARG B 245 -2.10 -5.55 13.81
N PRO B 246 -0.85 -5.21 13.59
CA PRO B 246 0.00 -6.17 12.93
C PRO B 246 0.15 -7.47 13.71
N ASN B 247 -0.02 -7.45 15.03
CA ASN B 247 0.06 -8.76 15.71
C ASN B 247 -1.06 -9.71 15.44
N GLU B 248 -2.09 -9.33 14.71
CA GLU B 248 -3.20 -10.20 14.45
C GLU B 248 -3.06 -10.99 13.13
N PHE B 249 -2.00 -10.72 12.39
CA PHE B 249 -1.80 -11.36 11.08
C PHE B 249 -0.72 -12.42 11.18
N ASP B 250 -0.85 -13.50 10.38
CA ASP B 250 0.11 -14.61 10.36
C ASP B 250 0.76 -14.72 8.95
N VAL B 251 -0.03 -15.29 8.02
CA VAL B 251 0.37 -15.36 6.63
C VAL B 251 -0.49 -14.42 5.78
N MET B 252 0.18 -13.61 4.98
CA MET B 252 -0.55 -12.83 3.91
C MET B 252 -0.42 -13.56 2.59
N LEU B 253 -1.49 -13.61 1.82
CA LEU B 253 -1.48 -14.31 0.53
C LEU B 253 -1.90 -13.23 -0.49
N CYS B 254 -0.98 -12.94 -1.37
CA CYS B 254 -1.19 -11.80 -2.30
C CYS B 254 -0.84 -12.06 -3.74
N SER B 255 -1.54 -11.39 -4.69
CA SER B 255 -1.11 -11.33 -6.09
C SER B 255 0.15 -10.60 -6.28
N ASN B 256 0.67 -10.47 -7.49
CA ASN B 256 1.98 -10.04 -7.68
C ASN B 256 2.13 -8.56 -7.26
N LEU B 257 1.33 -7.63 -7.77
CA LEU B 257 1.47 -6.24 -7.43
C LEU B 257 1.05 -5.99 -6.00
N PHE B 258 0.01 -6.68 -5.54
CA PHE B 258 -0.45 -6.45 -4.11
C PHE B 258 0.62 -6.95 -3.15
N GLY B 259 1.30 -8.06 -3.51
CA GLY B 259 2.36 -8.59 -2.63
C GLY B 259 3.58 -7.69 -2.68
N ASP B 260 3.94 -7.07 -3.79
CA ASP B 260 5.03 -6.10 -3.84
C ASP B 260 4.75 -4.96 -2.85
N ILE B 261 3.51 -4.52 -2.75
CA ILE B 261 3.18 -3.39 -1.88
C ILE B 261 3.05 -3.85 -0.39
N VAL B 262 2.32 -4.93 -0.14
CA VAL B 262 2.10 -5.33 1.23
C VAL B 262 3.49 -5.70 1.85
N SER B 263 4.39 -6.37 1.12
CA SER B 263 5.65 -6.81 1.76
C SER B 263 6.45 -5.62 2.13
N ASP B 264 6.47 -4.61 1.32
CA ASP B 264 7.29 -3.43 1.59
C ASP B 264 6.66 -2.71 2.84
N GLU B 265 5.34 -2.53 2.92
CA GLU B 265 4.81 -1.88 4.09
C GLU B 265 5.26 -2.68 5.34
N ILE B 266 5.09 -4.01 5.35
CA ILE B 266 5.42 -4.81 6.56
C ILE B 266 6.93 -4.62 6.81
N ALA B 267 7.77 -4.68 5.77
CA ALA B 267 9.25 -4.55 6.06
C ALA B 267 9.48 -3.26 6.80
N MET B 268 8.91 -2.14 6.36
CA MET B 268 9.13 -0.86 7.03
C MET B 268 8.47 -0.94 8.41
N LEU B 269 7.36 -1.60 8.66
CA LEU B 269 6.81 -1.73 10.04
C LEU B 269 7.86 -2.37 11.01
N THR B 270 8.80 -3.17 10.48
CA THR B 270 9.82 -3.73 11.42
C THR B 270 10.76 -2.64 11.82
N GLY B 271 11.07 -1.64 11.03
CA GLY B 271 12.12 -0.65 11.28
C GLY B 271 13.56 -1.20 11.24
N SER B 272 13.73 -2.43 10.79
CA SER B 272 15.05 -3.12 10.77
CA SER B 272 15.02 -3.14 10.80
C SER B 272 15.21 -3.93 9.46
N MET B 273 15.25 -3.18 8.32
CA MET B 273 15.14 -3.89 7.06
CA MET B 273 15.22 -3.76 6.97
C MET B 273 16.42 -4.66 6.73
N GLY B 274 17.52 -4.32 7.39
CA GLY B 274 18.76 -5.06 7.28
C GLY B 274 18.75 -6.49 7.81
N LEU B 275 17.65 -6.90 8.49
CA LEU B 275 17.49 -8.22 8.95
C LEU B 275 16.68 -9.08 7.99
N LEU B 276 16.11 -8.47 6.93
CA LEU B 276 15.03 -9.20 6.19
C LEU B 276 15.50 -9.88 4.90
N ALA B 277 14.99 -11.09 4.72
CA ALA B 277 15.38 -11.90 3.55
C ALA B 277 14.15 -12.20 2.67
N SER B 278 14.42 -12.65 1.43
CA SER B 278 13.41 -12.97 0.43
C SER B 278 13.74 -14.32 -0.22
N ILE B 279 12.73 -15.12 -0.36
CA ILE B 279 12.84 -16.45 -1.05
C ILE B 279 12.04 -16.28 -2.34
N SER B 280 12.61 -16.63 -3.51
CA SER B 280 11.80 -16.76 -4.78
C SER B 280 12.01 -18.21 -5.29
N MET B 281 11.00 -19.02 -5.29
CA MET B 281 11.14 -20.43 -5.69
C MET B 281 10.19 -20.87 -6.76
N ASN B 282 10.59 -21.95 -7.43
CA ASN B 282 9.70 -22.66 -8.36
C ASN B 282 9.11 -23.97 -7.78
N SER B 283 8.29 -24.69 -8.59
CA SER B 283 7.66 -25.90 -8.08
C SER B 283 8.59 -27.14 -7.81
N GLN B 284 9.82 -27.02 -8.33
CA GLN B 284 10.94 -28.02 -8.28
C GLN B 284 11.83 -27.82 -7.07
N GLY B 285 11.59 -26.70 -6.36
CA GLY B 285 12.37 -26.39 -5.20
C GLY B 285 13.63 -25.60 -5.45
N PHE B 286 13.93 -25.29 -6.71
CA PHE B 286 14.95 -24.36 -7.06
C PHE B 286 14.47 -22.94 -6.62
N GLY B 287 15.40 -22.16 -6.17
CA GLY B 287 15.11 -20.78 -5.76
C GLY B 287 16.28 -19.88 -5.72
N MET B 288 15.99 -18.59 -5.53
CA MET B 288 16.96 -17.49 -5.39
CA MET B 288 16.96 -17.55 -5.35
C MET B 288 16.60 -16.85 -4.05
N TYR B 289 17.59 -16.58 -3.29
CA TYR B 289 17.48 -16.17 -1.88
C TYR B 289 18.34 -14.89 -1.75
N GLU B 290 17.73 -13.76 -1.22
CA GLU B 290 18.39 -12.49 -1.25
C GLU B 290 17.89 -11.57 -0.16
N PRO B 291 18.73 -10.58 0.19
CA PRO B 291 18.12 -9.59 1.13
C PRO B 291 16.95 -8.86 0.52
N ALA B 292 15.90 -8.55 1.32
CA ALA B 292 14.89 -7.64 0.82
C ALA B 292 15.42 -6.25 0.50
N GLY B 293 16.35 -5.72 1.32
CA GLY B 293 16.96 -4.38 1.04
C GLY B 293 17.87 -4.28 -0.18
N GLY B 294 18.16 -3.07 -0.67
CA GLY B 294 18.97 -2.85 -1.92
C GLY B 294 20.44 -2.74 -1.71
N SER B 295 21.06 -2.21 -2.75
CA SER B 295 22.51 -2.23 -2.91
C SER B 295 23.21 -1.13 -2.15
N ALA B 296 22.41 -0.21 -1.57
CA ALA B 296 22.92 0.90 -0.70
C ALA B 296 24.33 1.44 -1.13
N PRO B 297 24.46 1.97 -2.35
CA PRO B 297 25.83 2.32 -2.82
C PRO B 297 26.56 3.42 -2.05
N ASP B 298 25.83 4.25 -1.30
CA ASP B 298 26.40 5.35 -0.54
C ASP B 298 27.18 4.86 0.71
N ILE B 299 26.99 3.59 1.11
CA ILE B 299 27.79 2.96 2.19
C ILE B 299 28.71 1.80 1.69
N ALA B 300 28.70 1.56 0.37
CA ALA B 300 29.47 0.42 -0.22
C ALA B 300 30.98 0.57 0.12
N GLY B 301 31.57 -0.49 0.68
CA GLY B 301 33.02 -0.47 0.95
C GLY B 301 33.39 0.11 2.30
N GLN B 302 32.41 0.67 3.02
CA GLN B 302 32.70 1.23 4.34
C GLN B 302 32.78 0.19 5.47
N GLY B 303 32.30 -1.03 5.22
CA GLY B 303 32.25 -2.11 6.24
C GLY B 303 31.23 -1.79 7.33
N ILE B 304 30.20 -1.01 6.94
CA ILE B 304 29.09 -0.53 7.85
C ILE B 304 27.78 -1.35 7.65
N ALA B 305 27.52 -1.77 6.40
CA ALA B 305 26.34 -2.59 5.99
C ALA B 305 26.03 -3.72 6.92
N ASN B 306 24.74 -3.89 7.23
CA ASN B 306 24.32 -5.04 7.98
C ASN B 306 24.24 -6.37 7.18
N PRO B 307 25.04 -7.42 7.55
CA PRO B 307 25.05 -8.63 6.72
C PRO B 307 24.01 -9.62 7.10
N VAL B 308 23.17 -9.29 8.13
CA VAL B 308 22.25 -10.29 8.60
C VAL B 308 21.25 -10.76 7.53
N ALA B 309 20.73 -9.79 6.75
CA ALA B 309 19.78 -10.24 5.66
C ALA B 309 20.45 -11.23 4.65
N GLN B 310 21.66 -10.95 4.28
CA GLN B 310 22.38 -11.89 3.36
C GLN B 310 22.61 -13.24 4.05
N ILE B 311 23.03 -13.23 5.31
CA ILE B 311 23.30 -14.43 6.03
C ILE B 311 22.02 -15.22 6.18
N LEU B 312 20.92 -14.51 6.56
CA LEU B 312 19.66 -15.23 6.63
C LEU B 312 19.10 -15.79 5.28
N SER B 313 19.44 -15.06 4.21
CA SER B 313 19.20 -15.59 2.84
C SER B 313 19.87 -16.95 2.65
N ALA B 314 21.08 -17.11 3.17
CA ALA B 314 21.77 -18.41 3.01
C ALA B 314 21.10 -19.47 3.89
N ALA B 315 20.63 -19.08 5.10
CA ALA B 315 19.85 -20.05 5.89
C ALA B 315 18.58 -20.54 5.17
N LEU B 316 17.83 -19.60 4.58
CA LEU B 316 16.60 -19.96 3.88
C LEU B 316 16.90 -20.81 2.66
N LEU B 317 18.04 -20.57 2.00
CA LEU B 317 18.46 -21.39 0.84
C LEU B 317 18.70 -22.82 1.27
N LEU B 318 19.38 -22.94 2.42
CA LEU B 318 19.60 -24.30 2.98
C LEU B 318 18.30 -25.04 3.33
N ARG B 319 17.35 -24.33 4.00
CA ARG B 319 16.09 -24.98 4.33
C ARG B 319 15.24 -25.32 3.08
N HIS B 320 15.00 -24.34 2.19
CA HIS B 320 13.91 -24.48 1.20
C HIS B 320 14.37 -25.19 -0.05
N SER B 321 15.62 -24.95 -0.47
CA SER B 321 16.10 -25.60 -1.68
C SER B 321 16.89 -26.85 -1.32
N LEU B 322 17.73 -26.76 -0.31
CA LEU B 322 18.62 -27.95 -0.02
C LEU B 322 18.08 -28.97 0.94
N LYS B 323 17.01 -28.63 1.64
CA LYS B 323 16.34 -29.50 2.68
C LYS B 323 17.25 -29.81 3.83
N LEU B 324 18.12 -28.85 4.13
CA LEU B 324 19.09 -29.01 5.23
C LEU B 324 18.60 -28.21 6.45
N GLU B 325 17.67 -28.77 7.18
CA GLU B 325 16.94 -28.03 8.22
C GLU B 325 17.84 -27.63 9.42
N ASP B 326 18.68 -28.56 9.87
CA ASP B 326 19.52 -28.32 11.06
C ASP B 326 20.54 -27.22 10.77
N ALA B 327 21.12 -27.23 9.56
CA ALA B 327 22.07 -26.21 9.12
C ALA B 327 21.39 -24.82 9.06
N ALA B 328 20.17 -24.78 8.55
CA ALA B 328 19.41 -23.53 8.48
C ALA B 328 19.13 -22.95 9.90
N LEU B 329 18.64 -23.82 10.80
CA LEU B 329 18.28 -23.50 12.20
C LEU B 329 19.54 -23.01 12.91
N ALA B 330 20.66 -23.69 12.71
CA ALA B 330 21.96 -23.15 13.21
C ALA B 330 22.31 -21.76 12.88
N ILE B 331 22.18 -21.38 11.61
CA ILE B 331 22.46 -20.00 11.23
C ILE B 331 21.46 -19.04 11.92
N GLU B 332 20.18 -19.36 11.85
CA GLU B 332 19.14 -18.54 12.52
C GLU B 332 19.44 -18.35 14.04
N ALA B 333 19.89 -19.44 14.72
CA ALA B 333 20.24 -19.35 16.15
C ALA B 333 21.46 -18.48 16.39
N ALA B 334 22.49 -18.57 15.54
CA ALA B 334 23.63 -17.73 15.67
C ALA B 334 23.35 -16.25 15.47
N VAL B 335 22.48 -15.95 14.47
CA VAL B 335 22.12 -14.54 14.21
C VAL B 335 21.29 -13.99 15.39
N SER B 336 20.39 -14.81 15.90
CA SER B 336 19.61 -14.41 17.11
C SER B 336 20.59 -14.22 18.29
N LYS B 337 21.62 -15.07 18.42
CA LYS B 337 22.58 -14.86 19.52
C LYS B 337 23.27 -13.51 19.38
N ALA B 338 23.76 -13.17 18.19
CA ALA B 338 24.49 -11.95 17.95
C ALA B 338 23.60 -10.75 18.35
N LEU B 339 22.38 -10.71 17.79
CA LEU B 339 21.48 -9.57 18.03
C LEU B 339 21.17 -9.37 19.54
N SER B 340 21.11 -10.44 20.32
CA SER B 340 20.82 -10.34 21.79
C SER B 340 22.09 -10.17 22.64
N ASP B 341 23.25 -10.26 22.02
CA ASP B 341 24.55 -10.12 22.76
C ASP B 341 25.31 -8.85 22.38
N GLY B 342 24.56 -7.84 21.96
CA GLY B 342 25.16 -6.57 21.64
C GLY B 342 26.08 -6.56 20.43
N TYR B 343 25.72 -7.34 19.39
CA TYR B 343 26.33 -7.25 18.10
C TYR B 343 25.29 -6.74 17.14
N LEU B 344 25.32 -5.45 17.01
CA LEU B 344 24.40 -4.68 16.18
C LEU B 344 25.18 -3.73 15.31
N THR B 345 24.74 -3.55 14.10
CA THR B 345 25.40 -2.61 13.17
C THR B 345 24.91 -1.17 13.41
N CYS B 346 25.55 -0.19 12.72
CA CYS B 346 25.36 1.33 12.63
CA CYS B 346 25.37 1.26 12.88
C CYS B 346 23.87 1.66 12.85
N GLU B 347 23.05 1.04 11.99
CA GLU B 347 21.71 1.57 11.76
C GLU B 347 20.72 1.09 12.81
N LEU B 348 21.13 0.10 13.58
CA LEU B 348 20.28 -0.43 14.69
C LEU B 348 20.50 0.27 16.04
N LEU B 349 21.41 1.25 16.05
CA LEU B 349 21.76 2.01 17.30
C LEU B 349 21.62 3.51 17.03
N PRO B 350 21.28 4.32 18.10
CA PRO B 350 21.32 5.79 17.89
C PRO B 350 22.69 6.22 17.49
N ALA B 351 22.71 7.30 16.75
CA ALA B 351 24.00 7.87 16.35
C ALA B 351 24.92 8.08 17.54
N SER B 352 24.34 8.42 18.69
CA SER B 352 25.11 8.70 19.91
CA SER B 352 25.17 8.72 19.85
C SER B 352 25.86 7.50 20.46
N GLU B 353 25.45 6.32 20.01
CA GLU B 353 25.99 5.12 20.51
C GLU B 353 26.78 4.44 19.35
N ARG B 354 27.13 5.19 18.29
CA ARG B 354 27.97 4.67 17.14
C ARG B 354 29.21 3.89 17.52
N SER B 355 29.87 4.32 18.61
CA SER B 355 31.10 3.61 19.06
C SER B 355 30.84 2.16 19.54
N GLN B 356 29.55 1.83 19.83
CA GLN B 356 29.15 0.52 20.32
C GLN B 356 28.74 -0.42 19.15
N ALA B 357 28.69 0.14 17.94
CA ALA B 357 28.19 -0.55 16.68
C ALA B 357 29.31 -1.47 16.18
N LYS B 358 28.91 -2.55 15.55
CA LYS B 358 29.82 -3.53 14.92
C LYS B 358 29.95 -3.28 13.44
N SER B 359 31.11 -3.66 12.90
CA SER B 359 31.30 -3.60 11.47
C SER B 359 30.67 -4.87 10.79
N THR B 360 30.51 -4.74 9.47
CA THR B 360 30.05 -5.86 8.59
C THR B 360 30.86 -7.13 8.95
N SER B 361 32.19 -7.02 8.98
CA SER B 361 32.97 -8.19 9.28
C SER B 361 33.01 -8.65 10.68
N GLN B 362 32.90 -7.72 11.62
CA GLN B 362 32.69 -8.11 13.02
C GLN B 362 31.41 -8.93 13.23
N MET B 363 30.33 -8.54 12.54
CA MET B 363 29.11 -9.37 12.59
C MET B 363 29.24 -10.81 12.02
N GLY B 364 29.88 -10.90 10.84
CA GLY B 364 30.14 -12.21 10.19
C GLY B 364 31.01 -13.11 11.08
N ASP B 365 32.05 -12.49 11.65
CA ASP B 365 33.01 -13.22 12.51
C ASP B 365 32.25 -13.81 13.66
N TYR B 366 31.44 -12.95 14.30
CA TYR B 366 30.75 -13.44 15.46
C TYR B 366 29.73 -14.54 15.22
N ILE B 367 28.98 -14.36 14.11
CA ILE B 367 27.99 -15.32 13.74
C ILE B 367 28.67 -16.63 13.30
N ALA B 368 29.71 -16.56 12.47
CA ALA B 368 30.51 -17.77 12.05
C ALA B 368 31.11 -18.40 13.30
N GLN B 369 31.62 -17.57 14.21
CA GLN B 369 32.24 -18.10 15.46
C GLN B 369 31.21 -18.84 16.30
N ALA B 370 29.99 -18.27 16.39
CA ALA B 370 28.91 -18.90 17.16
C ALA B 370 28.43 -20.25 16.62
N ILE B 371 28.30 -20.39 15.30
CA ILE B 371 27.97 -21.71 14.68
C ILE B 371 29.09 -22.76 14.99
N ALA B 372 30.35 -22.31 14.87
CA ALA B 372 31.46 -23.12 15.40
C ALA B 372 31.35 -23.24 16.96
N GLU B 373 30.26 -23.79 17.49
CA GLU B 373 30.17 -24.09 18.93
C GLU B 373 29.03 -25.03 19.29
N GLY B 374 28.47 -25.77 18.30
CA GLY B 374 27.41 -26.76 18.57
C GLY B 374 26.19 -26.08 19.15
#